data_8BK1
#
_entry.id   8BK1
#
_cell.length_a   186.027
_cell.length_b   186.027
_cell.length_c   373.436
_cell.angle_alpha   90.00
_cell.angle_beta   90.00
_cell.angle_gamma   120.00
#
_symmetry.space_group_name_H-M   'H 3 2'
#
loop_
_entity.id
_entity.type
_entity.pdbx_description
1 polymer 'Mutant Imine Reductase IR007-143 from Amycolatopsis azurea, E120A, M197W, M206S, A213P, D238G, I240L'
2 non-polymer 'NADP NICOTINAMIDE-ADENINE-DINUCLEOTIDE PHOSPHATE'
3 non-polymer 'SULFATE ION'
4 water water
#
_entity_poly.entity_id   1
_entity_poly.type   'polypeptide(L)'
_entity_poly.pdbx_seq_one_letter_code
;ESMITLIGLGPMGQAMVRVLLENGHGVTVWNRTASRADGVVAAGAVRVDTPADAVAASELVLLSLTDYAAMYDILGKAEE
ALTGKVIVNLSSDTPEKTREAAEWVEARGAKFIAGGVMVPAALVGKDEAYVFYSGPADVFEKHREALALIGRPDFLGEDV
RLAQLFYQAQLDIFLNSLSAFMHASALVRSAGVPLEKFWPYAKDNFESMGFYLEPAVEQIEKGDHPGDEADVIMMGASAG
HLVQASRDAGIDVALPEAVKSHYDRAIAAGHGRSSWTSLFEIIKADRK
;
_entity_poly.pdbx_strand_id   A,B,C,D
#
loop_
_chem_comp.id
_chem_comp.type
_chem_comp.name
_chem_comp.formula
NAP non-polymer 'NADP NICOTINAMIDE-ADENINE-DINUCLEOTIDE PHOSPHATE' 'C21 H28 N7 O17 P3'
SO4 non-polymer 'SULFATE ION' 'O4 S -2'
#
# COMPACT_ATOMS: atom_id res chain seq x y z
N GLU A 1 -22.24 37.62 7.92
CA GLU A 1 -21.02 37.73 8.74
C GLU A 1 -19.80 37.88 7.83
N SER A 2 -18.62 37.74 8.40
CA SER A 2 -17.37 37.98 7.62
C SER A 2 -17.48 37.49 6.19
N MET A 3 -17.04 38.30 5.23
CA MET A 3 -17.00 37.84 3.83
C MET A 3 -15.68 37.11 3.63
N ILE A 4 -15.75 35.90 3.07
CA ILE A 4 -14.50 35.14 2.78
C ILE A 4 -14.46 34.83 1.28
N THR A 5 -13.31 34.99 0.66
CA THR A 5 -13.14 34.54 -0.75
C THR A 5 -12.69 33.08 -0.76
N LEU A 6 -13.24 32.30 -1.69
CA LEU A 6 -12.69 30.98 -2.09
C LEU A 6 -12.48 30.96 -3.61
N ILE A 7 -11.26 30.68 -4.03
CA ILE A 7 -10.87 30.47 -5.45
C ILE A 7 -10.60 28.97 -5.62
N GLY A 8 -11.29 28.33 -6.57
CA GLY A 8 -11.16 26.89 -6.86
C GLY A 8 -12.44 26.16 -6.56
N LEU A 9 -13.32 25.97 -7.53
CA LEU A 9 -14.62 25.32 -7.27
C LEU A 9 -14.64 23.92 -7.85
N GLY A 10 -13.61 23.15 -7.57
CA GLY A 10 -13.69 21.68 -7.57
C GLY A 10 -14.58 21.22 -6.43
N PRO A 11 -14.79 19.90 -6.28
CA PRO A 11 -15.69 19.37 -5.25
C PRO A 11 -15.31 19.83 -3.82
N MET A 12 -14.01 19.96 -3.50
CA MET A 12 -13.57 20.40 -2.14
C MET A 12 -13.95 21.87 -1.98
N GLY A 13 -13.56 22.71 -2.95
CA GLY A 13 -13.97 24.13 -3.01
C GLY A 13 -15.45 24.32 -2.74
N GLN A 14 -16.29 23.61 -3.48
CA GLN A 14 -17.77 23.75 -3.39
C GLN A 14 -18.21 23.37 -1.99
N ALA A 15 -17.70 22.27 -1.42
CA ALA A 15 -18.15 21.78 -0.10
C ALA A 15 -17.78 22.83 0.96
N MET A 16 -16.62 23.46 0.82
CA MET A 16 -16.10 24.48 1.75
C MET A 16 -16.99 25.73 1.67
N VAL A 17 -17.29 26.20 0.46
CA VAL A 17 -18.25 27.32 0.23
C VAL A 17 -19.59 27.00 0.88
N ARG A 18 -20.20 25.85 0.57
N ARG A 18 -20.20 25.85 0.58
CA ARG A 18 -21.54 25.45 1.11
CA ARG A 18 -21.53 25.47 1.12
C ARG A 18 -21.48 25.55 2.65
C ARG A 18 -21.48 25.55 2.66
N VAL A 19 -20.38 25.14 3.27
CA VAL A 19 -20.27 25.08 4.75
C VAL A 19 -20.13 26.51 5.30
N LEU A 20 -19.31 27.34 4.67
CA LEU A 20 -19.17 28.77 5.06
C LEU A 20 -20.54 29.48 4.99
N LEU A 21 -21.28 29.30 3.89
CA LEU A 21 -22.66 29.88 3.71
C LEU A 21 -23.62 29.34 4.79
N GLU A 22 -23.74 28.04 4.98
CA GLU A 22 -24.66 27.45 6.01
C GLU A 22 -24.36 28.03 7.41
N ASN A 23 -23.23 28.71 7.65
CA ASN A 23 -22.87 29.24 9.01
C ASN A 23 -22.81 30.77 8.97
N GLY A 24 -23.53 31.40 8.05
CA GLY A 24 -23.68 32.87 8.07
C GLY A 24 -22.62 33.66 7.36
N HIS A 25 -21.60 33.00 6.83
CA HIS A 25 -20.49 33.78 6.23
C HIS A 25 -20.86 34.17 4.81
N GLY A 26 -20.41 35.34 4.37
CA GLY A 26 -20.60 35.71 2.97
C GLY A 26 -19.43 35.14 2.20
N VAL A 27 -19.67 34.70 0.98
CA VAL A 27 -18.58 34.03 0.21
C VAL A 27 -18.57 34.60 -1.20
N THR A 28 -17.51 35.33 -1.53
CA THR A 28 -17.12 35.67 -2.92
C THR A 28 -16.34 34.47 -3.50
N VAL A 29 -16.66 34.08 -4.73
CA VAL A 29 -15.96 32.98 -5.46
C VAL A 29 -15.56 33.46 -6.84
N TRP A 30 -14.56 32.79 -7.37
CA TRP A 30 -14.07 32.90 -8.75
C TRP A 30 -13.50 31.54 -9.12
N ASN A 31 -13.72 31.12 -10.37
CA ASN A 31 -13.18 29.85 -10.89
C ASN A 31 -12.81 30.05 -12.35
N ARG A 32 -11.76 29.38 -12.81
CA ARG A 32 -11.34 29.39 -14.23
C ARG A 32 -12.54 29.05 -15.13
N THR A 33 -13.43 28.16 -14.69
CA THR A 33 -14.66 27.77 -15.41
C THR A 33 -15.85 28.35 -14.65
N ALA A 34 -16.29 29.55 -15.02
CA ALA A 34 -17.33 30.33 -14.29
C ALA A 34 -18.62 29.53 -14.08
N SER A 35 -19.07 28.76 -15.08
CA SER A 35 -20.33 27.97 -15.01
C SER A 35 -20.33 27.09 -13.75
N ARG A 36 -19.15 26.72 -13.25
CA ARG A 36 -19.05 25.73 -12.14
C ARG A 36 -19.47 26.36 -10.81
N ALA A 37 -19.60 27.69 -10.75
CA ALA A 37 -20.07 28.44 -9.57
C ALA A 37 -21.60 28.43 -9.44
N ASP A 38 -22.35 27.99 -10.47
CA ASP A 38 -23.83 28.13 -10.51
C ASP A 38 -24.44 27.57 -9.21
N GLY A 39 -24.14 26.33 -8.85
CA GLY A 39 -24.71 25.69 -7.65
C GLY A 39 -24.45 26.50 -6.38
N VAL A 40 -23.26 27.11 -6.24
CA VAL A 40 -22.91 27.85 -5.01
C VAL A 40 -23.49 29.27 -5.08
N VAL A 41 -23.50 29.90 -6.27
CA VAL A 41 -24.15 31.22 -6.47
C VAL A 41 -25.63 31.10 -6.04
N ALA A 42 -26.32 30.06 -6.49
CA ALA A 42 -27.72 29.74 -6.10
C ALA A 42 -27.84 29.58 -4.58
N ALA A 43 -26.81 29.06 -3.89
CA ALA A 43 -26.89 28.83 -2.43
C ALA A 43 -26.55 30.10 -1.65
N GLY A 44 -26.11 31.17 -2.32
CA GLY A 44 -25.89 32.50 -1.70
C GLY A 44 -24.55 33.16 -2.04
N ALA A 45 -23.69 32.51 -2.82
CA ALA A 45 -22.34 33.05 -3.07
C ALA A 45 -22.39 34.09 -4.19
N VAL A 46 -21.44 35.01 -4.17
CA VAL A 46 -21.27 36.10 -5.17
C VAL A 46 -20.17 35.69 -6.16
N ARG A 47 -20.50 35.36 -7.41
CA ARG A 47 -19.47 35.23 -8.49
C ARG A 47 -18.92 36.64 -8.75
N VAL A 48 -17.73 36.73 -9.32
CA VAL A 48 -17.03 37.97 -9.69
C VAL A 48 -16.18 37.62 -10.91
N ASP A 49 -15.84 38.60 -11.73
CA ASP A 49 -15.35 38.36 -13.10
C ASP A 49 -13.91 37.88 -13.02
N THR A 50 -13.08 38.52 -12.18
CA THR A 50 -11.59 38.40 -12.25
C THR A 50 -11.01 37.93 -10.91
N PRO A 51 -9.86 37.24 -10.92
CA PRO A 51 -9.13 36.94 -9.68
C PRO A 51 -8.93 38.17 -8.79
N ALA A 52 -8.48 39.28 -9.38
CA ALA A 52 -8.26 40.57 -8.67
C ALA A 52 -9.52 40.97 -7.89
N ASP A 53 -10.71 40.78 -8.46
CA ASP A 53 -12.00 41.12 -7.81
C ASP A 53 -12.16 40.24 -6.57
N ALA A 54 -11.90 38.95 -6.70
CA ALA A 54 -12.09 37.91 -5.65
C ALA A 54 -11.13 38.16 -4.49
N VAL A 55 -9.86 38.44 -4.80
CA VAL A 55 -8.82 38.77 -3.78
C VAL A 55 -9.23 40.06 -3.05
N ALA A 56 -9.62 41.10 -3.77
CA ALA A 56 -9.99 42.43 -3.22
C ALA A 56 -11.21 42.29 -2.30
N ALA A 57 -12.12 41.35 -2.55
CA ALA A 57 -13.43 41.27 -1.86
C ALA A 57 -13.33 40.91 -0.36
N SER A 58 -12.20 40.36 0.11
CA SER A 58 -12.11 39.74 1.46
C SER A 58 -10.69 39.82 1.99
N GLU A 59 -10.55 39.72 3.32
CA GLU A 59 -9.25 39.65 4.02
C GLU A 59 -8.70 38.22 3.85
N LEU A 60 -9.53 37.20 4.13
CA LEU A 60 -9.18 35.76 4.05
C LEU A 60 -9.52 35.23 2.65
N VAL A 61 -8.51 34.74 1.95
CA VAL A 61 -8.63 34.10 0.61
C VAL A 61 -8.21 32.62 0.72
N LEU A 62 -9.18 31.71 0.63
CA LEU A 62 -8.95 30.24 0.52
C LEU A 62 -8.72 29.82 -0.95
N LEU A 63 -7.67 29.06 -1.23
CA LEU A 63 -7.41 28.41 -2.55
C LEU A 63 -7.63 26.89 -2.44
N SER A 64 -8.54 26.33 -3.24
CA SER A 64 -8.72 24.87 -3.41
C SER A 64 -8.42 24.50 -4.87
N LEU A 65 -7.14 24.36 -5.20
CA LEU A 65 -6.60 24.12 -6.57
C LEU A 65 -5.87 22.78 -6.66
N THR A 66 -5.71 22.26 -7.88
CA THR A 66 -5.08 20.94 -8.16
C THR A 66 -3.62 20.93 -7.70
N ASP A 67 -2.94 22.06 -7.81
CA ASP A 67 -1.49 22.24 -7.50
C ASP A 67 -1.16 23.72 -7.27
N TYR A 68 0.10 24.02 -6.98
CA TYR A 68 0.58 25.39 -6.66
C TYR A 68 0.79 26.17 -7.97
N ALA A 69 1.20 25.51 -9.05
CA ALA A 69 1.28 26.12 -10.40
C ALA A 69 0.01 26.95 -10.69
N ALA A 70 -1.16 26.43 -10.32
CA ALA A 70 -2.48 27.09 -10.51
C ALA A 70 -2.59 28.36 -9.65
N MET A 71 -1.98 28.37 -8.45
CA MET A 71 -1.94 29.58 -7.60
C MET A 71 -1.22 30.70 -8.35
N TYR A 72 -0.06 30.42 -8.95
CA TYR A 72 0.74 31.43 -9.68
C TYR A 72 -0.08 31.92 -10.89
N ASP A 73 -0.73 31.03 -11.62
CA ASP A 73 -1.58 31.40 -12.79
C ASP A 73 -2.68 32.36 -12.36
N ILE A 74 -3.33 32.09 -11.22
CA ILE A 74 -4.50 32.87 -10.73
C ILE A 74 -4.06 34.17 -10.06
N LEU A 75 -3.21 34.11 -9.03
CA LEU A 75 -2.74 35.29 -8.26
C LEU A 75 -1.76 36.12 -9.09
N GLY A 76 -1.15 35.54 -10.13
CA GLY A 76 -0.29 36.29 -11.06
C GLY A 76 -1.04 37.42 -11.75
N LYS A 77 -2.37 37.30 -11.86
CA LYS A 77 -3.30 38.30 -12.45
C LYS A 77 -4.01 39.07 -11.32
N ALA A 78 -3.34 39.22 -10.17
CA ALA A 78 -3.90 39.87 -8.95
C ALA A 78 -2.81 40.30 -7.93
N GLU A 79 -1.59 40.61 -8.35
CA GLU A 79 -0.43 40.87 -7.46
C GLU A 79 -0.64 42.13 -6.62
N GLU A 80 -1.20 43.19 -7.21
CA GLU A 80 -1.44 44.48 -6.50
C GLU A 80 -2.49 44.28 -5.40
N ALA A 81 -3.47 43.39 -5.59
CA ALA A 81 -4.60 43.15 -4.65
C ALA A 81 -4.17 42.41 -3.38
N LEU A 82 -2.98 41.79 -3.39
CA LEU A 82 -2.57 40.79 -2.36
C LEU A 82 -2.23 41.49 -1.05
N THR A 83 -1.76 42.73 -1.10
CA THR A 83 -1.24 43.49 0.06
C THR A 83 -2.31 43.48 1.17
N GLY A 84 -1.92 43.02 2.36
CA GLY A 84 -2.78 42.99 3.56
C GLY A 84 -3.71 41.77 3.63
N LYS A 85 -3.67 40.87 2.66
CA LYS A 85 -4.61 39.71 2.63
C LYS A 85 -3.97 38.54 3.37
N VAL A 86 -4.80 37.53 3.68
CA VAL A 86 -4.36 36.22 4.25
C VAL A 86 -4.71 35.12 3.25
N ILE A 87 -3.69 34.51 2.63
CA ILE A 87 -3.84 33.35 1.72
C ILE A 87 -3.72 32.07 2.54
N VAL A 88 -4.79 31.28 2.54
CA VAL A 88 -4.79 29.88 3.04
C VAL A 88 -4.85 28.97 1.81
N ASN A 89 -3.74 28.30 1.50
CA ASN A 89 -3.68 27.35 0.35
C ASN A 89 -3.97 25.93 0.84
N LEU A 90 -5.07 25.34 0.38
CA LEU A 90 -5.52 23.97 0.77
C LEU A 90 -5.29 23.00 -0.39
N SER A 91 -4.17 23.15 -1.10
CA SER A 91 -3.81 22.41 -2.33
C SER A 91 -2.63 21.48 -2.12
N SER A 92 -2.60 20.35 -2.82
CA SER A 92 -1.47 19.39 -2.80
C SER A 92 -0.32 20.00 -3.61
N ASP A 93 0.92 19.90 -3.13
CA ASP A 93 2.17 20.09 -3.92
C ASP A 93 3.35 19.65 -3.04
N THR A 94 4.59 19.91 -3.44
CA THR A 94 5.76 19.49 -2.63
C THR A 94 5.93 20.47 -1.47
N PRO A 95 6.48 20.02 -0.32
CA PRO A 95 6.93 20.95 0.73
C PRO A 95 7.84 22.06 0.20
N GLU A 96 8.87 21.74 -0.60
CA GLU A 96 9.78 22.77 -1.14
C GLU A 96 8.97 23.83 -1.91
N LYS A 97 7.99 23.45 -2.72
CA LYS A 97 7.26 24.44 -3.53
C LYS A 97 6.29 25.19 -2.62
N THR A 98 5.90 24.59 -1.50
CA THR A 98 5.02 25.26 -0.49
C THR A 98 5.80 26.44 0.11
N ARG A 99 7.06 26.25 0.47
CA ARG A 99 7.85 27.35 1.06
C ARG A 99 8.13 28.41 -0.01
N GLU A 100 8.46 27.99 -1.24
CA GLU A 100 8.76 28.96 -2.32
C GLU A 100 7.51 29.84 -2.53
N ALA A 101 6.31 29.30 -2.38
CA ALA A 101 5.07 30.03 -2.69
C ALA A 101 4.78 30.98 -1.53
N ALA A 102 5.09 30.57 -0.30
CA ALA A 102 4.92 31.43 0.89
C ALA A 102 5.78 32.69 0.70
N GLU A 103 7.02 32.53 0.24
CA GLU A 103 7.96 33.65 0.03
C GLU A 103 7.41 34.59 -1.05
N TRP A 104 6.87 34.04 -2.12
CA TRP A 104 6.32 34.82 -3.25
C TRP A 104 5.11 35.64 -2.80
N VAL A 105 4.24 35.05 -2.00
CA VAL A 105 3.01 35.72 -1.50
C VAL A 105 3.43 36.79 -0.49
N GLU A 106 4.42 36.52 0.36
CA GLU A 106 4.78 37.48 1.44
C GLU A 106 5.48 38.67 0.79
N ALA A 107 6.32 38.41 -0.20
CA ALA A 107 6.96 39.48 -1.00
C ALA A 107 5.91 40.42 -1.62
N ARG A 108 4.68 39.97 -1.84
CA ARG A 108 3.57 40.77 -2.42
C ARG A 108 2.69 41.34 -1.28
N GLY A 109 3.17 41.24 -0.03
CA GLY A 109 2.59 41.88 1.17
C GLY A 109 1.40 41.15 1.75
N ALA A 110 1.22 39.86 1.50
CA ALA A 110 0.18 39.02 2.15
C ALA A 110 0.81 38.03 3.13
N LYS A 111 -0.02 37.43 3.99
CA LYS A 111 0.38 36.32 4.86
C LYS A 111 0.01 35.04 4.11
N PHE A 112 0.77 33.97 4.36
CA PHE A 112 0.57 32.65 3.74
C PHE A 112 0.50 31.57 4.81
N ILE A 113 -0.59 30.83 4.77
CA ILE A 113 -0.82 29.60 5.59
C ILE A 113 -1.05 28.45 4.62
N ALA A 114 -0.45 27.31 4.92
CA ALA A 114 -0.65 26.04 4.19
C ALA A 114 -1.62 25.16 4.97
N GLY A 115 -2.52 24.51 4.24
CA GLY A 115 -3.45 23.51 4.76
C GLY A 115 -3.47 22.25 3.91
N GLY A 116 -3.83 21.14 4.52
CA GLY A 116 -4.07 19.84 3.88
C GLY A 116 -5.32 19.23 4.47
N VAL A 117 -6.38 19.15 3.68
CA VAL A 117 -7.70 18.65 4.17
C VAL A 117 -7.65 17.14 4.09
N MET A 118 -8.01 16.46 5.16
CA MET A 118 -7.71 15.01 5.32
C MET A 118 -9.00 14.18 5.25
N VAL A 119 -10.03 14.73 4.60
CA VAL A 119 -11.26 13.96 4.27
C VAL A 119 -11.70 14.40 2.90
N PRO A 120 -12.52 13.59 2.22
CA PRO A 120 -13.10 13.99 0.94
C PRO A 120 -14.27 14.97 1.12
N ALA A 121 -14.72 15.57 0.02
CA ALA A 121 -15.69 16.68 -0.04
C ALA A 121 -16.95 16.38 0.77
N ALA A 122 -17.48 15.17 0.67
CA ALA A 122 -18.72 14.75 1.35
C ALA A 122 -18.58 14.85 2.88
N LEU A 123 -17.36 14.83 3.42
CA LEU A 123 -17.14 14.87 4.89
C LEU A 123 -16.61 16.23 5.33
N VAL A 124 -16.37 17.17 4.40
CA VAL A 124 -16.03 18.56 4.80
C VAL A 124 -17.12 19.08 5.74
N GLY A 125 -16.72 19.66 6.86
CA GLY A 125 -17.65 20.29 7.81
C GLY A 125 -18.26 19.30 8.79
N LYS A 126 -18.11 17.99 8.59
CA LYS A 126 -18.59 16.98 9.56
C LYS A 126 -17.54 16.72 10.66
N ASP A 127 -17.84 15.79 11.56
CA ASP A 127 -17.09 15.47 12.81
C ASP A 127 -15.78 14.79 12.46
N GLU A 128 -15.78 13.90 11.48
CA GLU A 128 -14.59 13.14 11.01
C GLU A 128 -13.52 14.12 10.48
N ALA A 129 -13.92 15.29 10.00
CA ALA A 129 -13.05 16.18 9.21
C ALA A 129 -11.93 16.74 10.07
N TYR A 130 -10.72 16.76 9.53
CA TYR A 130 -9.57 17.50 10.14
C TYR A 130 -8.71 18.04 9.01
N VAL A 131 -7.94 19.07 9.30
CA VAL A 131 -7.07 19.78 8.32
C VAL A 131 -5.74 20.12 8.97
N PHE A 132 -4.62 19.71 8.37
CA PHE A 132 -3.28 20.15 8.80
C PHE A 132 -3.17 21.64 8.42
N TYR A 133 -2.66 22.46 9.33
CA TYR A 133 -2.29 23.86 9.03
C TYR A 133 -0.87 24.11 9.54
N SER A 134 -0.17 25.02 8.85
CA SER A 134 1.18 25.49 9.20
C SER A 134 1.42 26.89 8.59
N GLY A 135 2.26 27.68 9.25
CA GLY A 135 2.51 29.10 8.93
C GLY A 135 2.45 29.97 10.18
N PRO A 136 2.35 31.31 10.04
CA PRO A 136 2.36 32.20 11.20
C PRO A 136 1.18 31.99 12.15
N ALA A 137 1.44 31.67 13.42
CA ALA A 137 0.41 31.26 14.41
C ALA A 137 -0.54 32.42 14.74
N ASP A 138 -0.04 33.65 14.88
CA ASP A 138 -0.87 34.83 15.24
C ASP A 138 -1.94 35.02 14.16
N VAL A 139 -1.52 35.04 12.90
CA VAL A 139 -2.43 35.15 11.72
C VAL A 139 -3.43 34.01 11.73
N PHE A 140 -2.93 32.77 11.82
CA PHE A 140 -3.78 31.56 11.87
C PHE A 140 -4.86 31.75 12.94
N GLU A 141 -4.46 32.16 14.14
CA GLU A 141 -5.37 32.21 15.31
C GLU A 141 -6.46 33.25 15.06
N LYS A 142 -6.13 34.35 14.35
CA LYS A 142 -7.14 35.38 13.94
C LYS A 142 -8.24 34.73 13.07
N HIS A 143 -8.00 33.64 12.35
CA HIS A 143 -8.99 33.05 11.38
C HIS A 143 -9.33 31.62 11.74
N ARG A 144 -8.85 31.11 12.87
CA ARG A 144 -9.12 29.73 13.30
C ARG A 144 -10.62 29.46 13.28
N GLU A 145 -11.44 30.37 13.78
CA GLU A 145 -12.88 30.09 14.06
C GLU A 145 -13.60 29.77 12.75
N ALA A 146 -13.29 30.52 11.69
CA ALA A 146 -13.85 30.33 10.34
C ALA A 146 -13.33 29.02 9.73
N LEU A 147 -12.02 28.81 9.79
CA LEU A 147 -11.36 27.62 9.19
C LEU A 147 -11.91 26.34 9.83
N ALA A 148 -12.28 26.38 11.12
CA ALA A 148 -12.69 25.20 11.91
C ALA A 148 -14.05 24.69 11.42
N LEU A 149 -14.78 25.50 10.66
CA LEU A 149 -16.09 25.08 10.06
C LEU A 149 -15.85 24.00 9.01
N ILE A 150 -14.67 24.00 8.39
CA ILE A 150 -14.25 23.00 7.35
C ILE A 150 -13.84 21.67 8.00
N GLY A 151 -13.18 21.69 9.15
CA GLY A 151 -12.77 20.51 9.93
C GLY A 151 -11.87 20.87 11.09
N ARG A 152 -11.66 19.96 12.05
CA ARG A 152 -10.80 20.24 13.25
C ARG A 152 -9.44 20.75 12.73
N PRO A 153 -8.98 21.97 13.06
CA PRO A 153 -7.65 22.40 12.66
C PRO A 153 -6.57 21.77 13.54
N ASP A 154 -5.55 21.17 12.92
CA ASP A 154 -4.33 20.68 13.59
C ASP A 154 -3.18 21.58 13.18
N PHE A 155 -2.92 22.58 14.02
CA PHE A 155 -1.81 23.51 13.74
C PHE A 155 -0.54 22.76 14.10
N LEU A 156 0.36 22.59 13.15
CA LEU A 156 1.56 21.75 13.32
C LEU A 156 2.76 22.61 13.72
N GLY A 157 2.76 23.92 13.40
CA GLY A 157 3.94 24.76 13.62
C GLY A 157 4.06 25.91 12.64
N GLU A 158 5.04 26.77 12.87
CA GLU A 158 5.29 28.00 12.09
C GLU A 158 5.99 27.67 10.77
N ASP A 159 6.70 26.54 10.66
CA ASP A 159 7.34 26.14 9.38
C ASP A 159 6.22 25.80 8.39
N VAL A 160 6.05 26.67 7.39
CA VAL A 160 4.88 26.61 6.48
C VAL A 160 4.85 25.25 5.75
N ARG A 161 5.98 24.58 5.62
CA ARG A 161 6.08 23.24 4.98
C ARG A 161 5.35 22.13 5.75
N LEU A 162 5.07 22.28 7.04
CA LEU A 162 4.68 21.09 7.86
C LEU A 162 3.35 20.52 7.38
N ALA A 163 2.36 21.36 7.08
CA ALA A 163 1.03 20.84 6.68
C ALA A 163 1.18 20.03 5.38
N GLN A 164 2.01 20.50 4.45
CA GLN A 164 2.23 19.83 3.14
C GLN A 164 2.93 18.50 3.38
N LEU A 165 3.92 18.50 4.25
CA LEU A 165 4.67 17.26 4.58
C LEU A 165 3.71 16.21 5.12
N PHE A 166 2.88 16.58 6.08
CA PHE A 166 1.94 15.64 6.72
C PHE A 166 0.90 15.20 5.66
N TYR A 167 0.50 16.13 4.79
CA TYR A 167 -0.49 15.80 3.74
C TYR A 167 0.11 14.73 2.84
N GLN A 168 1.33 14.97 2.35
CA GLN A 168 2.02 14.06 1.41
C GLN A 168 2.25 12.70 2.08
N ALA A 169 2.55 12.69 3.38
CA ALA A 169 2.87 11.44 4.10
C ALA A 169 1.58 10.60 4.19
N GLN A 170 0.47 11.25 4.46
CA GLN A 170 -0.85 10.55 4.58
C GLN A 170 -1.27 10.05 3.17
N LEU A 171 -0.96 10.86 2.17
CA LEU A 171 -1.29 10.56 0.76
C LEU A 171 -0.51 9.34 0.28
N ASP A 172 0.74 9.26 0.72
CA ASP A 172 1.67 8.16 0.40
C ASP A 172 0.95 6.87 0.81
N ILE A 173 0.47 6.80 2.05
CA ILE A 173 -0.21 5.58 2.54
C ILE A 173 -1.52 5.39 1.75
N PHE A 174 -2.25 6.48 1.57
CA PHE A 174 -3.61 6.44 0.99
C PHE A 174 -3.56 5.93 -0.46
N LEU A 175 -2.76 6.57 -1.34
CA LEU A 175 -2.71 6.18 -2.78
C LEU A 175 -2.17 4.74 -2.93
N ASN A 176 -1.22 4.37 -2.09
CA ASN A 176 -0.66 3.00 -2.09
C ASN A 176 -1.75 1.99 -1.81
N SER A 177 -2.52 2.27 -0.77
CA SER A 177 -3.58 1.37 -0.32
C SER A 177 -4.57 1.16 -1.49
N LEU A 178 -4.98 2.24 -2.18
CA LEU A 178 -5.90 2.14 -3.34
C LEU A 178 -5.26 1.25 -4.41
N SER A 179 -4.04 1.57 -4.79
CA SER A 179 -3.36 0.88 -5.90
C SER A 179 -3.19 -0.58 -5.50
N ALA A 180 -2.93 -0.84 -4.23
CA ALA A 180 -2.66 -2.23 -3.80
C ALA A 180 -3.98 -3.01 -3.78
N PHE A 181 -5.03 -2.40 -3.27
CA PHE A 181 -6.39 -2.98 -3.30
C PHE A 181 -6.75 -3.33 -4.76
N MET A 182 -6.56 -2.38 -5.69
CA MET A 182 -6.92 -2.59 -7.12
C MET A 182 -6.02 -3.68 -7.70
N HIS A 183 -4.75 -3.72 -7.31
CA HIS A 183 -3.78 -4.73 -7.83
C HIS A 183 -4.20 -6.12 -7.36
N ALA A 184 -4.50 -6.27 -6.08
CA ALA A 184 -4.92 -7.56 -5.51
C ALA A 184 -6.22 -7.97 -6.20
N SER A 185 -7.17 -7.04 -6.29
CA SER A 185 -8.48 -7.24 -6.98
C SER A 185 -8.21 -7.74 -8.41
N ALA A 186 -7.29 -7.11 -9.12
CA ALA A 186 -6.93 -7.46 -10.50
C ALA A 186 -6.39 -8.90 -10.54
N LEU A 187 -5.65 -9.34 -9.53
CA LEU A 187 -5.04 -10.70 -9.56
C LEU A 187 -6.17 -11.72 -9.43
N VAL A 188 -7.08 -11.42 -8.55
CA VAL A 188 -8.28 -12.23 -8.26
C VAL A 188 -9.16 -12.24 -9.52
N ARG A 189 -9.47 -11.09 -10.10
N ARG A 189 -9.47 -11.09 -10.10
CA ARG A 189 -10.39 -11.07 -11.26
CA ARG A 189 -10.40 -11.07 -11.26
C ARG A 189 -9.73 -11.80 -12.42
C ARG A 189 -9.73 -11.80 -12.43
N SER A 190 -8.40 -11.69 -12.51
CA SER A 190 -7.67 -12.38 -13.58
C SER A 190 -7.95 -13.88 -13.52
N ALA A 191 -8.21 -14.47 -12.37
CA ALA A 191 -8.38 -15.93 -12.24
C ALA A 191 -9.87 -16.29 -12.38
N GLY A 192 -10.75 -15.33 -12.63
CA GLY A 192 -12.20 -15.60 -12.77
C GLY A 192 -12.94 -15.59 -11.45
N VAL A 193 -12.30 -15.18 -10.38
CA VAL A 193 -12.97 -15.10 -9.06
C VAL A 193 -13.62 -13.74 -8.93
N PRO A 194 -14.92 -13.69 -8.62
CA PRO A 194 -15.59 -12.42 -8.39
C PRO A 194 -15.05 -11.71 -7.14
N LEU A 195 -14.98 -10.40 -7.23
CA LEU A 195 -14.35 -9.56 -6.21
C LEU A 195 -15.14 -9.69 -4.89
N GLU A 196 -16.44 -9.93 -4.93
CA GLU A 196 -17.28 -10.06 -3.71
C GLU A 196 -16.70 -11.17 -2.82
N LYS A 197 -16.12 -12.24 -3.40
CA LYS A 197 -15.54 -13.38 -2.62
C LYS A 197 -14.27 -12.95 -1.88
N PHE A 198 -13.49 -12.01 -2.43
CA PHE A 198 -12.17 -11.58 -1.89
C PHE A 198 -12.33 -10.40 -0.93
N TRP A 199 -13.31 -9.54 -1.13
CA TRP A 199 -13.48 -8.28 -0.36
C TRP A 199 -13.42 -8.51 1.16
N PRO A 200 -14.14 -9.47 1.74
CA PRO A 200 -14.13 -9.65 3.19
C PRO A 200 -12.70 -9.87 3.72
N TYR A 201 -11.86 -10.57 2.98
CA TYR A 201 -10.43 -10.81 3.31
C TYR A 201 -9.64 -9.50 3.22
N ALA A 202 -9.81 -8.77 2.13
CA ALA A 202 -9.09 -7.49 1.93
C ALA A 202 -9.46 -6.56 3.06
N LYS A 203 -10.75 -6.47 3.37
CA LYS A 203 -11.28 -5.58 4.44
C LYS A 203 -10.56 -5.91 5.76
N ASP A 204 -10.52 -7.18 6.11
CA ASP A 204 -9.96 -7.69 7.39
C ASP A 204 -8.47 -7.33 7.47
N ASN A 205 -7.77 -7.51 6.35
CA ASN A 205 -6.34 -7.24 6.13
C ASN A 205 -6.07 -5.77 6.47
N PHE A 206 -6.78 -4.83 5.84
CA PHE A 206 -6.61 -3.39 6.13
C PHE A 206 -6.97 -3.09 7.60
N GLU A 207 -7.99 -3.72 8.14
CA GLU A 207 -8.51 -3.39 9.50
C GLU A 207 -7.48 -3.86 10.55
N SER A 208 -6.72 -4.91 10.25
CA SER A 208 -5.68 -5.51 11.12
C SER A 208 -4.33 -4.75 11.02
N MET A 209 -4.17 -3.81 10.09
CA MET A 209 -2.84 -3.22 9.77
C MET A 209 -2.26 -2.47 10.97
N GLY A 210 -3.07 -1.65 11.62
CA GLY A 210 -2.68 -0.88 12.82
C GLY A 210 -2.01 -1.76 13.85
N PHE A 211 -2.51 -2.97 14.04
CA PHE A 211 -1.96 -3.98 14.98
C PHE A 211 -0.53 -4.35 14.53
N TYR A 212 -0.27 -4.74 13.27
CA TYR A 212 1.06 -5.24 12.80
C TYR A 212 2.05 -4.09 12.78
N LEU A 213 1.60 -2.84 12.69
CA LEU A 213 2.52 -1.69 12.49
C LEU A 213 2.94 -1.07 13.83
N GLU A 214 2.11 -1.15 14.89
CA GLU A 214 2.40 -0.42 16.16
C GLU A 214 3.78 -0.79 16.68
N PRO A 215 4.10 -2.10 16.84
CA PRO A 215 5.42 -2.53 17.34
C PRO A 215 6.60 -2.08 16.47
N ALA A 216 6.38 -1.95 15.16
CA ALA A 216 7.42 -1.62 14.17
C ALA A 216 7.96 -0.22 14.41
N VAL A 217 7.16 0.65 15.04
CA VAL A 217 7.59 2.06 15.25
C VAL A 217 8.88 2.10 16.07
N GLU A 218 8.90 1.37 17.19
CA GLU A 218 10.06 1.29 18.10
C GLU A 218 11.25 0.73 17.32
N GLN A 219 11.06 -0.39 16.61
CA GLN A 219 12.13 -1.00 15.78
C GLN A 219 12.73 0.04 14.82
N ILE A 220 11.88 0.85 14.18
CA ILE A 220 12.38 1.84 13.18
C ILE A 220 13.09 2.97 13.92
N GLU A 221 12.53 3.45 15.02
CA GLU A 221 13.13 4.53 15.84
C GLU A 221 14.56 4.14 16.22
N LYS A 222 14.79 2.87 16.58
CA LYS A 222 16.03 2.36 17.19
C LYS A 222 16.99 1.66 16.19
N GLY A 223 16.60 1.36 14.95
CA GLY A 223 17.43 0.55 14.04
C GLY A 223 17.58 -0.90 14.53
N ASP A 224 16.54 -1.42 15.17
CA ASP A 224 16.54 -2.73 15.86
C ASP A 224 15.58 -3.67 15.13
N HIS A 225 16.11 -4.56 14.31
CA HIS A 225 15.35 -5.26 13.25
C HIS A 225 15.47 -6.78 13.41
N PRO A 226 15.07 -7.35 14.55
CA PRO A 226 15.18 -8.80 14.77
C PRO A 226 14.30 -9.62 13.82
N GLY A 227 14.88 -10.62 13.15
CA GLY A 227 14.18 -11.43 12.13
C GLY A 227 13.59 -12.75 12.63
N ASP A 228 13.60 -13.03 13.92
CA ASP A 228 13.29 -14.39 14.41
C ASP A 228 11.84 -14.76 14.04
N GLU A 229 10.91 -13.82 14.00
CA GLU A 229 9.49 -14.18 13.75
C GLU A 229 9.14 -14.06 12.27
N ALA A 230 9.95 -13.37 11.47
CA ALA A 230 9.72 -13.17 10.02
C ALA A 230 10.93 -12.43 9.44
N ASP A 231 11.55 -12.96 8.40
CA ASP A 231 12.80 -12.35 7.88
C ASP A 231 12.64 -11.85 6.44
N VAL A 232 13.58 -11.02 5.99
CA VAL A 232 13.55 -10.41 4.64
C VAL A 232 13.79 -11.48 3.57
N ILE A 233 14.53 -12.55 3.90
CA ILE A 233 14.72 -13.65 2.91
C ILE A 233 13.36 -14.29 2.61
N MET A 234 12.54 -14.50 3.64
CA MET A 234 11.25 -15.19 3.45
C MET A 234 10.25 -14.20 2.79
N MET A 235 10.23 -12.97 3.26
CA MET A 235 9.29 -11.95 2.76
C MET A 235 9.71 -11.50 1.36
N GLY A 236 11.01 -11.38 1.10
CA GLY A 236 11.52 -11.03 -0.24
C GLY A 236 11.18 -12.11 -1.25
N ALA A 237 11.19 -13.38 -0.83
CA ALA A 237 10.84 -14.51 -1.70
C ALA A 237 9.37 -14.38 -2.14
N SER A 238 8.50 -14.14 -1.16
CA SER A 238 7.05 -13.87 -1.29
C SER A 238 6.85 -12.72 -2.29
N ALA A 239 7.60 -11.62 -2.12
CA ALA A 239 7.47 -10.45 -3.00
C ALA A 239 7.76 -10.88 -4.44
N GLY A 240 8.71 -11.81 -4.64
CA GLY A 240 9.04 -12.30 -5.98
C GLY A 240 7.97 -13.22 -6.53
N HIS A 241 7.37 -14.02 -5.65
CA HIS A 241 6.17 -14.82 -5.95
C HIS A 241 5.09 -13.88 -6.50
N LEU A 242 4.83 -12.78 -5.82
CA LEU A 242 3.78 -11.83 -6.23
C LEU A 242 4.13 -11.31 -7.63
N VAL A 243 5.39 -10.97 -7.85
CA VAL A 243 5.80 -10.41 -9.15
C VAL A 243 5.56 -11.47 -10.24
N GLN A 244 6.00 -12.70 -10.03
CA GLN A 244 5.86 -13.78 -11.05
C GLN A 244 4.36 -14.03 -11.26
N ALA A 245 3.57 -14.10 -10.19
CA ALA A 245 2.12 -14.38 -10.27
C ALA A 245 1.45 -13.30 -11.11
N SER A 246 1.89 -12.05 -10.96
CA SER A 246 1.37 -10.87 -11.68
C SER A 246 1.70 -11.01 -13.16
N ARG A 247 2.95 -11.36 -13.51
CA ARG A 247 3.32 -11.60 -14.94
C ARG A 247 2.42 -12.71 -15.49
N ASP A 248 2.37 -13.88 -14.82
CA ASP A 248 1.52 -15.05 -15.15
C ASP A 248 0.10 -14.58 -15.44
N ALA A 249 -0.47 -13.69 -14.64
CA ALA A 249 -1.89 -13.27 -14.70
C ALA A 249 -2.09 -12.13 -15.71
N GLY A 250 -1.02 -11.61 -16.30
CA GLY A 250 -1.08 -10.47 -17.24
C GLY A 250 -1.49 -9.15 -16.60
N ILE A 251 -1.31 -8.94 -15.29
CA ILE A 251 -1.67 -7.64 -14.64
C ILE A 251 -0.44 -6.75 -14.52
N ASP A 252 -0.62 -5.54 -14.00
CA ASP A 252 0.47 -4.59 -13.74
C ASP A 252 1.59 -5.28 -12.96
N VAL A 253 2.82 -4.97 -13.34
CA VAL A 253 4.04 -5.42 -12.61
C VAL A 253 4.77 -4.23 -11.97
N ALA A 254 4.45 -2.97 -12.29
CA ALA A 254 5.19 -1.83 -11.71
C ALA A 254 5.12 -1.86 -10.17
N LEU A 255 3.91 -1.98 -9.60
CA LEU A 255 3.71 -1.92 -8.14
C LEU A 255 4.45 -3.07 -7.46
N PRO A 256 4.23 -4.35 -7.85
CA PRO A 256 4.91 -5.43 -7.14
C PRO A 256 6.42 -5.40 -7.39
N GLU A 257 6.90 -4.92 -8.54
CA GLU A 257 8.36 -4.77 -8.78
C GLU A 257 8.94 -3.71 -7.82
N ALA A 258 8.20 -2.63 -7.55
CA ALA A 258 8.66 -1.56 -6.65
C ALA A 258 8.85 -2.15 -5.24
N VAL A 259 7.86 -2.90 -4.79
CA VAL A 259 7.90 -3.52 -3.44
C VAL A 259 9.04 -4.56 -3.40
N LYS A 260 9.19 -5.39 -4.42
CA LYS A 260 10.29 -6.39 -4.50
C LYS A 260 11.63 -5.64 -4.41
N SER A 261 11.74 -4.45 -5.00
CA SER A 261 13.02 -3.70 -5.04
C SER A 261 13.43 -3.28 -3.63
N HIS A 262 12.47 -3.05 -2.73
CA HIS A 262 12.74 -2.81 -1.31
C HIS A 262 13.45 -4.04 -0.74
N TYR A 263 12.87 -5.24 -0.94
CA TYR A 263 13.42 -6.50 -0.36
C TYR A 263 14.81 -6.76 -0.97
N ASP A 264 15.00 -6.47 -2.25
CA ASP A 264 16.26 -6.79 -2.96
C ASP A 264 17.37 -5.88 -2.44
N ARG A 265 17.11 -4.58 -2.38
CA ARG A 265 18.08 -3.61 -1.82
C ARG A 265 18.40 -3.99 -0.36
N ALA A 266 17.42 -4.40 0.43
CA ALA A 266 17.67 -4.79 1.84
C ALA A 266 18.60 -6.02 1.87
N ILE A 267 18.34 -7.00 1.02
CA ILE A 267 19.18 -8.25 0.99
C ILE A 267 20.61 -7.86 0.60
N ALA A 268 20.77 -6.97 -0.37
CA ALA A 268 22.08 -6.47 -0.84
C ALA A 268 22.82 -5.74 0.30
N ALA A 269 22.11 -5.09 1.22
CA ALA A 269 22.67 -4.39 2.40
C ALA A 269 22.88 -5.36 3.56
N GLY A 270 22.60 -6.65 3.34
CA GLY A 270 22.91 -7.73 4.30
C GLY A 270 21.79 -8.03 5.26
N HIS A 271 20.56 -7.57 4.99
CA HIS A 271 19.46 -7.63 6.01
C HIS A 271 18.56 -8.84 5.80
N GLY A 272 19.00 -9.82 5.01
CA GLY A 272 18.29 -11.09 4.81
C GLY A 272 17.68 -11.65 6.07
N ARG A 273 18.40 -11.59 7.18
CA ARG A 273 18.02 -12.32 8.42
C ARG A 273 17.33 -11.36 9.38
N SER A 274 17.20 -10.08 8.99
CA SER A 274 16.51 -9.03 9.78
C SER A 274 14.99 -9.05 9.49
N SER A 275 14.23 -8.46 10.41
CA SER A 275 12.80 -8.06 10.27
C SER A 275 12.61 -7.18 9.02
N TRP A 276 11.36 -7.14 8.54
CA TRP A 276 10.96 -6.29 7.40
C TRP A 276 11.20 -4.83 7.75
N THR A 277 11.24 -4.47 9.03
CA THR A 277 11.53 -3.07 9.44
C THR A 277 12.89 -2.59 8.91
N SER A 278 13.83 -3.51 8.67
CA SER A 278 15.16 -3.20 8.10
C SER A 278 15.02 -2.51 6.73
N LEU A 279 13.91 -2.72 6.02
CA LEU A 279 13.72 -2.04 4.71
C LEU A 279 13.83 -0.53 4.92
N PHE A 280 13.39 -0.06 6.08
CA PHE A 280 13.54 1.37 6.43
C PHE A 280 14.99 1.84 6.21
N GLU A 281 15.97 0.98 6.50
CA GLU A 281 17.42 1.34 6.40
C GLU A 281 17.81 1.62 4.95
N ILE A 282 17.18 1.00 3.95
CA ILE A 282 17.47 1.30 2.51
C ILE A 282 16.46 2.32 1.94
N ILE A 283 15.32 2.54 2.57
CA ILE A 283 14.31 3.51 2.06
C ILE A 283 14.68 4.92 2.53
N LYS A 284 15.19 5.06 3.75
CA LYS A 284 15.44 6.38 4.42
C LYS A 284 16.51 7.13 3.65
N ALA A 285 16.57 8.46 3.80
CA ALA A 285 17.69 9.29 3.26
C ALA A 285 18.97 8.93 4.00
N ASP A 286 20.12 9.00 3.33
CA ASP A 286 21.45 8.86 4.00
C ASP A 286 21.56 9.91 5.11
N ARG A 287 21.85 9.52 6.38
CA ARG A 287 22.27 10.50 7.45
C ARG A 287 23.56 11.16 6.93
N LYS A 288 24.30 10.45 6.04
CA LYS A 288 25.33 10.92 5.05
C LYS A 288 24.65 11.57 3.84
N GLU B 1 -1.28 -39.34 20.53
CA GLU B 1 -2.45 -39.52 19.62
C GLU B 1 -1.96 -39.58 18.17
N SER B 2 -2.85 -39.27 17.23
CA SER B 2 -2.49 -39.36 15.79
C SER B 2 -1.11 -38.74 15.58
N MET B 3 -0.25 -39.41 14.83
CA MET B 3 1.08 -38.86 14.53
C MET B 3 1.00 -38.04 13.24
N ILE B 4 1.37 -36.77 13.32
CA ILE B 4 1.37 -35.91 12.11
C ILE B 4 2.81 -35.48 11.86
N THR B 5 3.22 -35.43 10.59
CA THR B 5 4.58 -34.98 10.26
C THR B 5 4.59 -33.52 9.82
N LEU B 6 5.56 -32.74 10.32
CA LEU B 6 5.72 -31.35 9.82
C LEU B 6 7.16 -31.19 9.39
N ILE B 7 7.40 -30.97 8.09
CA ILE B 7 8.77 -30.69 7.61
C ILE B 7 8.84 -29.17 7.36
N GLY B 8 9.84 -28.50 7.92
CA GLY B 8 9.95 -27.03 7.78
C GLY B 8 9.81 -26.38 9.13
N LEU B 9 10.89 -26.25 9.88
CA LEU B 9 10.75 -25.75 11.26
C LEU B 9 11.26 -24.32 11.40
N GLY B 10 10.67 -23.39 10.65
CA GLY B 10 11.00 -21.98 10.85
C GLY B 10 9.99 -21.43 11.83
N PRO B 11 9.90 -20.11 12.03
CA PRO B 11 8.98 -19.56 13.02
C PRO B 11 7.57 -20.14 12.96
N MET B 12 6.98 -20.25 11.77
CA MET B 12 5.57 -20.70 11.62
C MET B 12 5.42 -22.20 11.85
N GLY B 13 6.35 -23.00 11.32
CA GLY B 13 6.30 -24.45 11.49
C GLY B 13 6.40 -24.85 12.94
N GLN B 14 7.27 -24.17 13.68
CA GLN B 14 7.43 -24.48 15.12
C GLN B 14 6.12 -24.17 15.85
N ALA B 15 5.48 -23.05 15.53
CA ALA B 15 4.23 -22.66 16.23
C ALA B 15 3.16 -23.72 15.94
N MET B 16 3.17 -24.26 14.72
CA MET B 16 2.21 -25.30 14.26
C MET B 16 2.45 -26.58 15.06
N VAL B 17 3.70 -27.02 15.13
CA VAL B 17 4.10 -28.20 15.95
C VAL B 17 3.66 -28.00 17.41
N ARG B 18 4.01 -26.88 18.04
CA ARG B 18 3.63 -26.60 19.46
C ARG B 18 2.12 -26.79 19.63
N VAL B 19 1.33 -26.34 18.66
CA VAL B 19 -0.15 -26.34 18.79
C VAL B 19 -0.67 -27.78 18.61
N LEU B 20 -0.12 -28.52 17.64
CA LEU B 20 -0.49 -29.94 17.45
C LEU B 20 -0.19 -30.75 18.73
N LEU B 21 0.99 -30.56 19.33
CA LEU B 21 1.40 -31.22 20.61
C LEU B 21 0.46 -30.82 21.76
N GLU B 22 0.24 -29.53 22.02
CA GLU B 22 -0.66 -29.05 23.11
C GLU B 22 -2.05 -29.69 22.98
N ASN B 23 -2.43 -30.33 21.86
CA ASN B 23 -3.79 -30.90 21.67
C ASN B 23 -3.71 -32.42 21.51
N GLY B 24 -2.66 -33.04 22.07
CA GLY B 24 -2.61 -34.51 22.10
C GLY B 24 -1.95 -35.15 20.91
N HIS B 25 -1.90 -34.47 19.77
CA HIS B 25 -1.37 -35.13 18.56
C HIS B 25 0.11 -35.46 18.73
N GLY B 26 0.58 -36.49 18.05
CA GLY B 26 2.01 -36.79 18.06
C GLY B 26 2.62 -36.14 16.85
N VAL B 27 3.87 -35.69 16.94
CA VAL B 27 4.45 -34.94 15.79
C VAL B 27 5.88 -35.42 15.55
N THR B 28 6.09 -36.06 14.41
CA THR B 28 7.42 -36.29 13.79
C THR B 28 7.82 -35.04 13.00
N VAL B 29 9.08 -34.61 13.14
CA VAL B 29 9.57 -33.38 12.47
C VAL B 29 10.90 -33.63 11.76
N TRP B 30 11.25 -32.79 10.79
CA TRP B 30 12.57 -32.87 10.10
C TRP B 30 12.89 -31.48 9.53
N ASN B 31 14.14 -31.04 9.65
CA ASN B 31 14.55 -29.73 9.09
C ASN B 31 15.94 -29.86 8.46
N ARG B 32 16.23 -29.05 7.44
CA ARG B 32 17.58 -29.04 6.83
C ARG B 32 18.57 -28.70 7.93
N THR B 33 18.14 -27.89 8.89
CA THR B 33 18.98 -27.52 10.04
C THR B 33 18.41 -28.21 11.28
N ALA B 34 18.90 -29.42 11.57
CA ALA B 34 18.37 -30.30 12.64
C ALA B 34 18.36 -29.60 14.00
N SER B 35 19.38 -28.82 14.35
CA SER B 35 19.48 -28.13 15.67
C SER B 35 18.22 -27.30 15.94
N ARG B 36 17.50 -26.89 14.89
CA ARG B 36 16.35 -25.97 15.04
C ARG B 36 15.13 -26.71 15.63
N ALA B 37 15.17 -28.04 15.68
CA ALA B 37 14.11 -28.89 16.26
C ALA B 37 14.22 -28.98 17.79
N ASP B 38 15.32 -28.53 18.41
CA ASP B 38 15.58 -28.73 19.86
C ASP B 38 14.35 -28.30 20.67
N GLY B 39 13.90 -27.05 20.52
CA GLY B 39 12.76 -26.51 21.29
C GLY B 39 11.50 -27.37 21.14
N VAL B 40 11.23 -27.92 19.94
CA VAL B 40 9.98 -28.71 19.72
C VAL B 40 10.19 -30.15 20.20
N VAL B 41 11.39 -30.72 20.02
CA VAL B 41 11.74 -32.06 20.57
C VAL B 41 11.50 -32.03 22.09
N ALA B 42 12.03 -31.00 22.78
CA ALA B 42 11.80 -30.76 24.23
C ALA B 42 10.31 -30.68 24.56
N ALA B 43 9.45 -30.16 23.67
CA ALA B 43 8.01 -29.99 23.97
C ALA B 43 7.23 -31.29 23.67
N GLY B 44 7.86 -32.31 23.09
CA GLY B 44 7.22 -33.63 22.84
C GLY B 44 7.46 -34.22 21.45
N ALA B 45 8.11 -33.51 20.54
CA ALA B 45 8.18 -33.94 19.12
C ALA B 45 9.34 -34.91 18.93
N VAL B 46 9.25 -35.74 17.90
CA VAL B 46 10.25 -36.77 17.53
C VAL B 46 11.05 -36.24 16.34
N ARG B 47 12.31 -35.83 16.51
CA ARG B 47 13.22 -35.56 15.36
C ARG B 47 13.48 -36.91 14.69
N VAL B 48 13.94 -36.89 13.43
CA VAL B 48 14.17 -38.08 12.57
C VAL B 48 15.29 -37.67 11.61
N ASP B 49 16.06 -38.63 11.11
CA ASP B 49 17.35 -38.33 10.43
C ASP B 49 17.03 -37.78 9.04
N THR B 50 16.06 -38.38 8.32
CA THR B 50 15.90 -38.23 6.85
C THR B 50 14.47 -37.77 6.49
N PRO B 51 14.29 -37.01 5.39
CA PRO B 51 12.95 -36.70 4.86
C PRO B 51 12.07 -37.95 4.73
N ALA B 52 12.59 -38.99 4.09
CA ALA B 52 11.89 -40.29 3.88
C ALA B 52 11.33 -40.83 5.21
N ASP B 53 12.07 -40.69 6.31
CA ASP B 53 11.64 -41.19 7.64
C ASP B 53 10.42 -40.37 8.08
N ALA B 54 10.47 -39.05 7.88
CA ALA B 54 9.43 -38.09 8.33
C ALA B 54 8.14 -38.33 7.54
N VAL B 55 8.26 -38.49 6.22
CA VAL B 55 7.09 -38.79 5.32
C VAL B 55 6.48 -40.13 5.77
N ALA B 56 7.30 -41.16 5.95
CA ALA B 56 6.87 -42.54 6.28
C ALA B 56 6.13 -42.56 7.62
N ALA B 57 6.47 -41.67 8.56
CA ALA B 57 5.97 -41.72 9.95
C ALA B 57 4.47 -41.41 10.08
N SER B 58 3.80 -40.83 9.06
CA SER B 58 2.42 -40.28 9.20
C SER B 58 1.64 -40.32 7.89
N GLU B 59 0.31 -40.19 7.95
CA GLU B 59 -0.55 -40.03 6.73
C GLU B 59 -0.43 -38.57 6.25
N LEU B 60 -0.66 -37.61 7.18
CA LEU B 60 -0.67 -36.15 6.95
C LEU B 60 0.74 -35.57 7.12
N VAL B 61 1.26 -34.97 6.05
CA VAL B 61 2.59 -34.30 6.01
C VAL B 61 2.36 -32.80 5.70
N LEU B 62 2.54 -31.95 6.71
CA LEU B 62 2.58 -30.46 6.59
C LEU B 62 3.97 -29.96 6.18
N LEU B 63 4.02 -29.05 5.22
CA LEU B 63 5.29 -28.44 4.77
C LEU B 63 5.23 -26.93 4.99
N SER B 64 6.06 -26.38 5.87
CA SER B 64 6.12 -24.90 6.08
C SER B 64 7.49 -24.42 5.60
N LEU B 65 7.64 -24.18 4.30
CA LEU B 65 8.96 -23.82 3.73
C LEU B 65 8.91 -22.43 3.09
N THR B 66 10.05 -21.89 2.69
CA THR B 66 10.12 -20.51 2.13
C THR B 66 9.47 -20.48 0.75
N ASP B 67 9.58 -21.56 0.00
CA ASP B 67 9.07 -21.65 -1.40
C ASP B 67 8.85 -23.12 -1.80
N TYR B 68 8.39 -23.34 -3.02
CA TYR B 68 8.04 -24.70 -3.52
C TYR B 68 9.33 -25.39 -3.97
N ALA B 69 10.30 -24.66 -4.53
CA ALA B 69 11.65 -25.18 -4.86
C ALA B 69 12.17 -26.05 -3.70
N ALA B 70 11.97 -25.62 -2.45
CA ALA B 70 12.39 -26.34 -1.22
C ALA B 70 11.62 -27.67 -1.07
N MET B 71 10.36 -27.72 -1.48
CA MET B 71 9.57 -28.98 -1.48
C MET B 71 10.26 -30.00 -2.40
N TYR B 72 10.66 -29.61 -3.61
CA TYR B 72 11.33 -30.51 -4.57
C TYR B 72 12.67 -30.98 -3.99
N ASP B 73 13.46 -30.08 -3.40
CA ASP B 73 14.76 -30.42 -2.75
C ASP B 73 14.53 -31.50 -1.69
N ILE B 74 13.50 -31.36 -0.86
CA ILE B 74 13.24 -32.23 0.32
C ILE B 74 12.59 -33.55 -0.12
N LEU B 75 11.43 -33.47 -0.78
CA LEU B 75 10.64 -34.66 -1.19
C LEU B 75 11.33 -35.38 -2.35
N GLY B 76 12.26 -34.73 -3.07
CA GLY B 76 13.12 -35.39 -4.09
C GLY B 76 13.88 -36.59 -3.49
N LYS B 77 14.17 -36.54 -2.20
CA LYS B 77 14.90 -37.59 -1.41
C LYS B 77 13.88 -38.40 -0.59
N ALA B 78 12.64 -38.54 -1.08
CA ALA B 78 11.61 -39.44 -0.51
C ALA B 78 10.97 -40.24 -1.66
N GLU B 79 9.97 -39.70 -2.34
CA GLU B 79 9.54 -40.13 -3.70
C GLU B 79 8.89 -41.52 -3.59
N GLU B 80 9.62 -42.58 -3.19
CA GLU B 80 9.04 -43.93 -2.99
C GLU B 80 8.06 -43.88 -1.79
N ALA B 81 8.37 -43.09 -0.76
CA ALA B 81 7.60 -43.08 0.52
C ALA B 81 6.31 -42.24 0.39
N LEU B 82 6.11 -41.53 -0.72
CA LEU B 82 5.01 -40.55 -0.88
C LEU B 82 3.67 -41.26 -1.07
N THR B 83 3.69 -42.47 -1.65
CA THR B 83 2.47 -43.20 -2.08
C THR B 83 1.52 -43.34 -0.86
N GLY B 84 0.28 -42.85 -1.00
CA GLY B 84 -0.78 -42.92 0.03
C GLY B 84 -0.73 -41.79 1.04
N LYS B 85 0.25 -40.88 0.98
CA LYS B 85 0.36 -39.78 1.97
C LYS B 85 -0.50 -38.59 1.49
N VAL B 86 -0.79 -37.67 2.42
CA VAL B 86 -1.47 -36.36 2.14
C VAL B 86 -0.49 -35.21 2.44
N ILE B 87 -0.03 -34.53 1.38
CA ILE B 87 0.84 -33.32 1.49
C ILE B 87 -0.05 -32.07 1.56
N VAL B 88 0.02 -31.36 2.68
CA VAL B 88 -0.53 -29.98 2.85
C VAL B 88 0.65 -29.01 2.81
N ASN B 89 0.80 -28.27 1.71
CA ASN B 89 1.85 -27.25 1.56
C ASN B 89 1.35 -25.87 2.02
N LEU B 90 1.92 -25.33 3.09
CA LEU B 90 1.54 -24.00 3.68
C LEU B 90 2.62 -22.94 3.38
N SER B 91 3.18 -22.99 2.18
CA SER B 91 4.31 -22.17 1.70
C SER B 91 3.87 -21.20 0.58
N SER B 92 4.49 -20.02 0.54
CA SER B 92 4.31 -19.03 -0.54
C SER B 92 4.95 -19.53 -1.83
N ASP B 93 4.28 -19.38 -2.97
CA ASP B 93 4.88 -19.44 -4.34
C ASP B 93 3.81 -18.97 -5.32
N THR B 94 4.03 -19.12 -6.62
CA THR B 94 3.04 -18.68 -7.63
C THR B 94 1.92 -19.71 -7.71
N PRO B 95 0.69 -19.30 -8.07
CA PRO B 95 -0.37 -20.26 -8.41
C PRO B 95 0.06 -21.29 -9.47
N GLU B 96 0.69 -20.86 -10.55
CA GLU B 96 1.14 -21.81 -11.61
C GLU B 96 2.08 -22.86 -11.01
N LYS B 97 2.99 -22.50 -10.11
CA LYS B 97 3.95 -23.48 -9.54
C LYS B 97 3.20 -24.35 -8.53
N THR B 98 2.13 -23.83 -7.95
CA THR B 98 1.30 -24.59 -6.99
C THR B 98 0.62 -25.75 -7.75
N ARG B 99 0.09 -25.49 -8.94
CA ARG B 99 -0.55 -26.57 -9.73
C ARG B 99 0.52 -27.57 -10.19
N GLU B 100 1.65 -27.07 -10.67
CA GLU B 100 2.73 -27.94 -11.19
C GLU B 100 3.15 -28.89 -10.04
N ALA B 101 3.16 -28.44 -8.80
CA ALA B 101 3.66 -29.25 -7.67
C ALA B 101 2.61 -30.29 -7.31
N ALA B 102 1.32 -29.93 -7.40
CA ALA B 102 0.21 -30.85 -7.14
C ALA B 102 0.32 -32.03 -8.13
N GLU B 103 0.60 -31.75 -9.40
CA GLU B 103 0.73 -32.79 -10.46
C GLU B 103 1.89 -33.73 -10.12
N TRP B 104 3.02 -33.16 -9.70
CA TRP B 104 4.25 -33.92 -9.38
C TRP B 104 4.00 -34.83 -8.17
N VAL B 105 3.32 -34.33 -7.16
CA VAL B 105 3.01 -35.11 -5.92
C VAL B 105 2.00 -36.20 -6.26
N GLU B 106 0.99 -35.91 -7.07
CA GLU B 106 -0.08 -36.91 -7.33
C GLU B 106 0.50 -38.01 -8.22
N ALA B 107 1.33 -37.66 -9.19
CA ALA B 107 2.09 -38.65 -10.01
C ALA B 107 2.90 -39.60 -9.13
N ARG B 108 3.27 -39.21 -7.91
CA ARG B 108 4.06 -40.04 -6.95
C ARG B 108 3.10 -40.72 -5.96
N GLY B 109 1.79 -40.67 -6.25
CA GLY B 109 0.74 -41.44 -5.57
C GLY B 109 0.29 -40.83 -4.26
N ALA B 110 0.50 -39.52 -4.03
CA ALA B 110 -0.01 -38.83 -2.82
C ALA B 110 -1.12 -37.85 -3.21
N LYS B 111 -1.85 -37.36 -2.22
CA LYS B 111 -2.81 -36.24 -2.38
C LYS B 111 -2.10 -34.93 -2.05
N PHE B 112 -2.55 -33.83 -2.63
CA PHE B 112 -1.91 -32.49 -2.49
C PHE B 112 -2.98 -31.44 -2.21
N ILE B 113 -2.81 -30.77 -1.08
CA ILE B 113 -3.64 -29.62 -0.65
C ILE B 113 -2.71 -28.42 -0.49
N ALA B 114 -3.15 -27.26 -0.97
CA ALA B 114 -2.43 -25.97 -0.80
C ALA B 114 -3.10 -25.21 0.33
N GLY B 115 -2.26 -24.54 1.13
CA GLY B 115 -2.70 -23.68 2.24
C GLY B 115 -1.94 -22.38 2.24
N GLY B 116 -2.58 -21.32 2.75
CA GLY B 116 -1.96 -20.01 3.01
C GLY B 116 -2.38 -19.55 4.38
N VAL B 117 -1.42 -19.48 5.31
CA VAL B 117 -1.70 -19.14 6.73
C VAL B 117 -1.76 -17.64 6.79
N MET B 118 -2.79 -17.06 7.40
CA MET B 118 -3.08 -15.62 7.27
C MET B 118 -2.84 -14.90 8.60
N VAL B 119 -1.99 -15.47 9.43
CA VAL B 119 -1.51 -14.78 10.67
C VAL B 119 -0.05 -15.14 10.84
N PRO B 120 0.69 -14.33 11.61
CA PRO B 120 2.08 -14.68 11.97
C PRO B 120 2.11 -15.76 13.05
N ALA B 121 3.29 -16.33 13.28
CA ALA B 121 3.56 -17.48 14.19
C ALA B 121 2.92 -17.29 15.58
N ALA B 122 3.05 -16.10 16.15
CA ALA B 122 2.53 -15.79 17.50
C ALA B 122 1.01 -15.96 17.59
N LEU B 123 0.30 -15.93 16.47
CA LEU B 123 -1.19 -16.03 16.48
C LEU B 123 -1.63 -17.40 15.94
N VAL B 124 -0.72 -18.26 15.52
CA VAL B 124 -1.09 -19.64 15.12
C VAL B 124 -1.86 -20.30 16.27
N GLY B 125 -3.00 -20.90 15.99
CA GLY B 125 -3.81 -21.63 16.98
C GLY B 125 -4.69 -20.72 17.83
N LYS B 126 -4.56 -19.39 17.73
CA LYS B 126 -5.47 -18.45 18.45
C LYS B 126 -6.74 -18.21 17.64
N ASP B 127 -7.63 -17.36 18.15
CA ASP B 127 -8.99 -17.07 17.61
C ASP B 127 -8.90 -16.30 16.28
N GLU B 128 -7.97 -15.36 16.19
CA GLU B 128 -7.70 -14.54 14.99
C GLU B 128 -7.32 -15.45 13.80
N ALA B 129 -6.75 -16.63 14.05
CA ALA B 129 -6.06 -17.39 13.00
C ALA B 129 -7.06 -17.94 12.00
N TYR B 130 -6.72 -17.85 10.71
CA TYR B 130 -7.46 -18.52 9.61
C TYR B 130 -6.46 -18.89 8.53
N VAL B 131 -6.79 -19.87 7.70
CA VAL B 131 -5.91 -20.45 6.66
C VAL B 131 -6.72 -20.77 5.41
N PHE B 132 -6.31 -20.27 4.25
CA PHE B 132 -6.92 -20.66 2.95
C PHE B 132 -6.47 -22.10 2.68
N TYR B 133 -7.40 -22.96 2.26
CA TYR B 133 -7.08 -24.31 1.73
C TYR B 133 -7.77 -24.49 0.38
N SER B 134 -7.14 -25.26 -0.49
CA SER B 134 -7.67 -25.65 -1.82
C SER B 134 -7.03 -26.96 -2.28
N GLY B 135 -7.79 -27.75 -3.02
CA GLY B 135 -7.43 -29.14 -3.40
C GLY B 135 -8.60 -30.09 -3.23
N PRO B 136 -8.37 -31.42 -3.25
CA PRO B 136 -9.45 -32.39 -3.13
C PRO B 136 -10.22 -32.29 -1.80
N ALA B 137 -11.55 -32.08 -1.90
CA ALA B 137 -12.43 -31.79 -0.73
C ALA B 137 -12.54 -33.03 0.18
N ASP B 138 -12.63 -34.24 -0.38
CA ASP B 138 -12.79 -35.48 0.43
C ASP B 138 -11.57 -35.63 1.34
N VAL B 139 -10.38 -35.51 0.77
CA VAL B 139 -9.10 -35.58 1.52
C VAL B 139 -9.05 -34.48 2.59
N PHE B 140 -9.33 -33.24 2.20
CA PHE B 140 -9.40 -32.09 3.12
C PHE B 140 -10.32 -32.44 4.31
N GLU B 141 -11.50 -32.98 4.03
CA GLU B 141 -12.53 -33.23 5.08
C GLU B 141 -12.00 -34.30 6.03
N LYS B 142 -11.26 -35.29 5.53
CA LYS B 142 -10.64 -36.36 6.37
C LYS B 142 -9.71 -35.73 7.41
N HIS B 143 -9.09 -34.57 7.14
CA HIS B 143 -8.06 -33.97 8.03
C HIS B 143 -8.48 -32.60 8.55
N ARG B 144 -9.70 -32.18 8.30
CA ARG B 144 -10.20 -30.85 8.71
C ARG B 144 -9.96 -30.65 10.21
N GLU B 145 -10.29 -31.64 11.02
CA GLU B 145 -10.35 -31.46 12.50
C GLU B 145 -8.96 -31.09 13.05
N ALA B 146 -7.92 -31.74 12.51
CA ALA B 146 -6.50 -31.50 12.88
C ALA B 146 -6.05 -30.13 12.38
N LEU B 147 -6.33 -29.82 11.10
CA LEU B 147 -5.92 -28.54 10.47
C LEU B 147 -6.55 -27.36 11.23
N ALA B 148 -7.75 -27.52 11.77
CA ALA B 148 -8.53 -26.45 12.45
C ALA B 148 -7.85 -26.00 13.76
N LEU B 149 -6.93 -26.80 14.28
CA LEU B 149 -6.17 -26.44 15.51
C LEU B 149 -5.22 -25.28 15.20
N ILE B 150 -4.75 -25.19 13.95
CA ILE B 150 -3.81 -24.15 13.45
C ILE B 150 -4.55 -22.82 13.19
N GLY B 151 -5.80 -22.87 12.71
CA GLY B 151 -6.71 -21.71 12.57
C GLY B 151 -7.94 -22.09 11.79
N ARG B 152 -8.95 -21.21 11.73
CA ARG B 152 -10.22 -21.51 11.01
C ARG B 152 -9.86 -21.91 9.58
N PRO B 153 -10.20 -23.14 9.10
CA PRO B 153 -9.95 -23.48 7.69
C PRO B 153 -11.00 -22.88 6.75
N ASP B 154 -10.58 -22.16 5.73
CA ASP B 154 -11.45 -21.64 4.65
C ASP B 154 -11.17 -22.43 3.37
N PHE B 155 -11.98 -23.43 3.14
CA PHE B 155 -11.90 -24.23 1.90
C PHE B 155 -12.43 -23.35 0.78
N LEU B 156 -11.62 -23.11 -0.23
CA LEU B 156 -11.96 -22.16 -1.32
C LEU B 156 -12.51 -22.92 -2.52
N GLY B 157 -12.10 -24.16 -2.71
CA GLY B 157 -12.52 -24.91 -3.90
C GLY B 157 -11.51 -25.97 -4.23
N GLU B 158 -11.77 -26.76 -5.26
CA GLU B 158 -10.89 -27.91 -5.56
C GLU B 158 -9.77 -27.47 -6.49
N ASP B 159 -9.88 -26.30 -7.11
CA ASP B 159 -8.73 -25.80 -7.91
C ASP B 159 -7.63 -25.58 -6.89
N VAL B 160 -6.57 -26.36 -7.01
CA VAL B 160 -5.51 -26.33 -5.96
C VAL B 160 -4.85 -24.94 -5.94
N ARG B 161 -4.94 -24.19 -7.04
CA ARG B 161 -4.39 -22.80 -7.11
C ARG B 161 -5.08 -21.81 -6.18
N LEU B 162 -6.31 -22.05 -5.74
CA LEU B 162 -7.12 -20.95 -5.14
C LEU B 162 -6.48 -20.45 -3.85
N ALA B 163 -5.97 -21.33 -2.98
CA ALA B 163 -5.44 -20.88 -1.68
C ALA B 163 -4.22 -19.98 -1.95
N GLN B 164 -3.39 -20.33 -2.95
CA GLN B 164 -2.15 -19.59 -3.27
C GLN B 164 -2.56 -18.22 -3.82
N LEU B 165 -3.56 -18.20 -4.68
CA LEU B 165 -4.07 -16.94 -5.29
C LEU B 165 -4.49 -15.99 -4.16
N PHE B 166 -5.30 -16.48 -3.24
CA PHE B 166 -5.83 -15.66 -2.13
C PHE B 166 -4.66 -15.24 -1.23
N TYR B 167 -3.68 -16.13 -1.03
CA TYR B 167 -2.50 -15.82 -0.20
C TYR B 167 -1.77 -14.63 -0.86
N GLN B 168 -1.47 -14.75 -2.15
CA GLN B 168 -0.69 -13.73 -2.90
C GLN B 168 -1.48 -12.40 -2.91
N ALA B 169 -2.80 -12.47 -2.97
CA ALA B 169 -3.61 -11.25 -3.07
C ALA B 169 -3.56 -10.54 -1.72
N GLN B 170 -3.61 -11.28 -0.63
CA GLN B 170 -3.56 -10.71 0.74
C GLN B 170 -2.15 -10.12 0.97
N LEU B 171 -1.15 -10.81 0.44
CA LEU B 171 0.27 -10.44 0.53
C LEU B 171 0.52 -9.12 -0.18
N ASP B 172 -0.13 -8.99 -1.33
CA ASP B 172 -0.07 -7.79 -2.19
C ASP B 172 -0.45 -6.60 -1.30
N ILE B 173 -1.59 -6.67 -0.62
CA ILE B 173 -2.05 -5.54 0.24
C ILE B 173 -1.07 -5.40 1.42
N PHE B 174 -0.67 -6.52 1.99
CA PHE B 174 0.13 -6.54 3.23
C PHE B 174 1.51 -5.91 2.98
N LEU B 175 2.29 -6.40 2.00
CA LEU B 175 3.67 -5.92 1.80
C LEU B 175 3.63 -4.46 1.34
N ASN B 176 2.62 -4.07 0.57
CA ASN B 176 2.44 -2.68 0.14
C ASN B 176 2.26 -1.77 1.34
N SER B 177 1.38 -2.18 2.24
CA SER B 177 1.07 -1.40 3.44
C SER B 177 2.37 -1.18 4.23
N LEU B 178 3.19 -2.22 4.43
CA LEU B 178 4.48 -2.11 5.18
C LEU B 178 5.36 -1.09 4.44
N SER B 179 5.56 -1.30 3.14
CA SER B 179 6.50 -0.46 2.38
C SER B 179 5.97 0.98 2.39
N ALA B 180 4.66 1.16 2.37
CA ALA B 180 4.06 2.51 2.28
C ALA B 180 4.25 3.19 3.64
N PHE B 181 3.98 2.45 4.72
CA PHE B 181 4.19 2.94 6.10
C PHE B 181 5.65 3.43 6.25
N MET B 182 6.60 2.59 5.84
CA MET B 182 8.04 2.89 6.00
C MET B 182 8.39 4.08 5.11
N HIS B 183 7.80 4.15 3.92
CA HIS B 183 8.08 5.25 2.96
C HIS B 183 7.59 6.58 3.54
N ALA B 184 6.37 6.60 4.04
CA ALA B 184 5.78 7.83 4.61
C ALA B 184 6.61 8.23 5.82
N SER B 185 6.93 7.26 6.69
CA SER B 185 7.80 7.44 7.87
C SER B 185 9.13 8.09 7.42
N ALA B 186 9.71 7.55 6.35
CA ALA B 186 11.01 8.02 5.84
C ALA B 186 10.88 9.48 5.40
N LEU B 187 9.75 9.86 4.83
CA LEU B 187 9.58 11.23 4.30
C LEU B 187 9.60 12.20 5.48
N VAL B 188 8.86 11.80 6.50
CA VAL B 188 8.70 12.55 7.77
C VAL B 188 10.07 12.62 8.44
N ARG B 189 10.77 11.48 8.64
CA ARG B 189 12.05 11.46 9.39
C ARG B 189 13.06 12.31 8.58
N SER B 190 12.97 12.30 7.26
CA SER B 190 13.88 13.09 6.42
C SER B 190 13.78 14.57 6.78
N ALA B 191 12.63 15.07 7.20
CA ALA B 191 12.43 16.51 7.46
C ALA B 191 12.74 16.83 8.94
N GLY B 192 13.15 15.86 9.74
CA GLY B 192 13.51 16.10 11.15
C GLY B 192 12.34 15.92 12.08
N VAL B 193 11.20 15.45 11.59
CA VAL B 193 10.02 15.21 12.47
C VAL B 193 10.13 13.80 13.02
N PRO B 194 10.06 13.60 14.35
CA PRO B 194 10.06 12.26 14.90
C PRO B 194 8.82 11.46 14.50
N LEU B 195 9.02 10.18 14.31
CA LEU B 195 8.00 9.21 13.91
C LEU B 195 6.85 9.18 14.92
N GLU B 196 7.14 9.36 16.21
CA GLU B 196 6.11 9.34 17.27
C GLU B 196 5.02 10.40 16.96
N LYS B 197 5.37 11.54 16.35
CA LYS B 197 4.42 12.65 16.06
C LYS B 197 3.49 12.23 14.90
N PHE B 198 3.96 11.41 13.97
CA PHE B 198 3.24 11.03 12.72
C PHE B 198 2.41 9.75 12.93
N TRP B 199 2.84 8.84 13.80
CA TRP B 199 2.21 7.51 13.98
C TRP B 199 0.70 7.61 14.18
N PRO B 200 0.18 8.48 15.08
CA PRO B 200 -1.26 8.54 15.33
C PRO B 200 -2.04 8.81 14.03
N TYR B 201 -1.50 9.65 13.15
CA TYR B 201 -2.10 9.96 11.83
C TYR B 201 -2.04 8.71 10.92
N ALA B 202 -0.90 8.05 10.84
CA ALA B 202 -0.75 6.87 9.98
C ALA B 202 -1.75 5.81 10.44
N LYS B 203 -1.82 5.61 11.76
CA LYS B 203 -2.73 4.61 12.37
C LYS B 203 -4.17 4.89 11.91
N ASP B 204 -4.60 6.13 12.04
CA ASP B 204 -5.98 6.61 11.74
C ASP B 204 -6.30 6.35 10.26
N ASN B 205 -5.33 6.67 9.40
CA ASN B 205 -5.34 6.48 7.93
C ASN B 205 -5.63 5.01 7.60
N PHE B 206 -4.84 4.07 8.13
CA PHE B 206 -5.06 2.62 7.88
C PHE B 206 -6.41 2.19 8.49
N GLU B 207 -6.80 2.74 9.63
CA GLU B 207 -8.03 2.28 10.32
C GLU B 207 -9.26 2.72 9.51
N SER B 208 -9.15 3.83 8.79
CA SER B 208 -10.19 4.46 7.92
C SER B 208 -10.32 3.76 6.55
N MET B 209 -9.36 2.91 6.16
CA MET B 209 -9.24 2.42 4.75
C MET B 209 -10.45 1.61 4.34
N GLY B 210 -10.89 0.67 5.17
CA GLY B 210 -12.07 -0.17 4.94
C GLY B 210 -13.27 0.65 4.53
N PHE B 211 -13.44 1.83 5.13
CA PHE B 211 -14.56 2.77 4.86
C PHE B 211 -14.41 3.30 3.43
N TYR B 212 -13.24 3.81 3.00
CA TYR B 212 -13.06 4.43 1.65
C TYR B 212 -13.11 3.35 0.57
N LEU B 213 -12.83 2.08 0.90
CA LEU B 213 -12.73 1.01 -0.12
C LEU B 213 -14.07 0.30 -0.34
N GLU B 214 -14.98 0.24 0.65
CA GLU B 214 -16.20 -0.60 0.51
C GLU B 214 -16.98 -0.18 -0.76
N PRO B 215 -17.30 1.13 -0.96
CA PRO B 215 -18.00 1.57 -2.16
C PRO B 215 -17.29 1.26 -3.49
N ALA B 216 -15.97 1.21 -3.48
CA ALA B 216 -15.13 0.99 -4.69
C ALA B 216 -15.35 -0.41 -5.24
N VAL B 217 -15.79 -1.35 -4.41
CA VAL B 217 -15.96 -2.76 -4.87
C VAL B 217 -16.99 -2.79 -6.02
N GLU B 218 -18.12 -2.13 -5.83
CA GLU B 218 -19.21 -2.06 -6.84
C GLU B 218 -18.66 -1.40 -8.11
N GLN B 219 -17.98 -0.28 -7.96
CA GLN B 219 -17.38 0.45 -9.10
C GLN B 219 -16.46 -0.48 -9.89
N ILE B 220 -15.65 -1.29 -9.22
CA ILE B 220 -14.70 -2.20 -9.93
C ILE B 220 -15.49 -3.35 -10.55
N GLU B 221 -16.48 -3.90 -9.85
CA GLU B 221 -17.35 -5.00 -10.37
C GLU B 221 -17.96 -4.56 -11.72
N LYS B 222 -18.42 -3.30 -11.81
CA LYS B 222 -19.27 -2.79 -12.91
C LYS B 222 -18.50 -1.94 -13.94
N GLY B 223 -17.22 -1.56 -13.71
CA GLY B 223 -16.56 -0.61 -14.65
C GLY B 223 -17.18 0.79 -14.60
N ASP B 224 -17.64 1.20 -13.42
CA ASP B 224 -18.42 2.43 -13.18
C ASP B 224 -17.57 3.36 -12.31
N HIS B 225 -16.96 4.37 -12.92
CA HIS B 225 -15.84 5.13 -12.31
C HIS B 225 -16.16 6.61 -12.29
N PRO B 226 -17.24 7.04 -11.62
CA PRO B 226 -17.62 8.46 -11.62
C PRO B 226 -16.59 9.34 -10.90
N GLY B 227 -16.12 10.42 -11.54
CA GLY B 227 -15.06 11.28 -10.97
C GLY B 227 -15.55 12.55 -10.28
N ASP B 228 -16.85 12.71 -10.08
CA ASP B 228 -17.44 13.97 -9.55
C ASP B 228 -16.85 14.41 -8.21
N GLU B 229 -16.38 13.49 -7.37
CA GLU B 229 -15.92 13.89 -6.02
C GLU B 229 -14.40 13.88 -5.95
N ALA B 230 -13.73 13.11 -6.81
CA ALA B 230 -12.26 13.04 -6.85
C ALA B 230 -11.84 12.44 -8.19
N ASP B 231 -10.96 12.98 -8.91
CA ASP B 231 -10.67 12.38 -10.24
C ASP B 231 -9.20 11.99 -10.40
N VAL B 232 -8.82 11.43 -11.45
CA VAL B 232 -7.44 10.90 -11.70
C VAL B 232 -6.51 12.07 -12.02
N ILE B 233 -7.02 13.15 -12.58
CA ILE B 233 -6.18 14.35 -12.86
C ILE B 233 -5.72 14.93 -11.54
N MET B 234 -6.60 15.03 -10.56
CA MET B 234 -6.26 15.63 -9.26
C MET B 234 -5.37 14.67 -8.46
N MET B 235 -5.75 13.40 -8.45
CA MET B 235 -5.04 12.38 -7.65
C MET B 235 -3.70 12.05 -8.32
N GLY B 236 -3.65 12.06 -9.64
CA GLY B 236 -2.40 11.85 -10.40
C GLY B 236 -1.41 12.96 -10.12
N ALA B 237 -1.90 14.19 -9.98
CA ALA B 237 -1.07 15.38 -9.70
C ALA B 237 -0.38 15.15 -8.35
N SER B 238 -1.19 14.78 -7.35
CA SER B 238 -0.78 14.43 -5.97
C SER B 238 0.31 13.38 -6.02
N ALA B 239 0.09 12.32 -6.80
CA ALA B 239 1.06 11.22 -6.90
C ALA B 239 2.40 11.77 -7.41
N GLY B 240 2.37 12.79 -8.29
CA GLY B 240 3.59 13.40 -8.82
C GLY B 240 4.26 14.28 -7.77
N HIS B 241 3.44 14.99 -7.00
CA HIS B 241 3.90 15.74 -5.81
C HIS B 241 4.69 14.78 -4.89
N LEU B 242 4.13 13.60 -4.62
CA LEU B 242 4.79 12.62 -3.73
C LEU B 242 6.13 12.23 -4.35
N VAL B 243 6.16 12.00 -5.64
CA VAL B 243 7.41 11.57 -6.33
C VAL B 243 8.45 12.70 -6.15
N GLN B 244 8.08 13.95 -6.47
CA GLN B 244 9.02 15.08 -6.41
C GLN B 244 9.47 15.25 -4.93
N ALA B 245 8.55 15.17 -3.98
CA ALA B 245 8.86 15.36 -2.55
C ALA B 245 9.87 14.31 -2.10
N SER B 246 9.74 13.09 -2.62
CA SER B 246 10.60 11.94 -2.30
C SER B 246 12.01 12.23 -2.85
N ARG B 247 12.12 12.70 -4.10
CA ARG B 247 13.44 13.09 -4.68
C ARG B 247 14.05 14.18 -3.79
N ASP B 248 13.32 15.26 -3.55
CA ASP B 248 13.72 16.40 -2.66
C ASP B 248 14.27 15.86 -1.32
N ALA B 249 13.65 14.85 -0.72
CA ALA B 249 14.00 14.33 0.62
C ALA B 249 15.15 13.30 0.53
N GLY B 250 15.55 12.88 -0.67
CA GLY B 250 16.48 11.75 -0.88
C GLY B 250 16.00 10.39 -0.38
N ILE B 251 14.70 10.12 -0.35
CA ILE B 251 14.20 8.75 0.01
C ILE B 251 13.90 7.93 -1.24
N ASP B 252 13.52 6.66 -1.07
CA ASP B 252 13.11 5.78 -2.20
C ASP B 252 12.13 6.49 -3.12
N VAL B 253 12.32 6.33 -4.42
CA VAL B 253 11.36 6.81 -5.46
C VAL B 253 10.68 5.64 -6.19
N ALA B 254 11.12 4.39 -6.02
CA ALA B 254 10.52 3.27 -6.79
C ALA B 254 9.01 3.16 -6.47
N LEU B 255 8.64 3.15 -5.20
CA LEU B 255 7.23 2.94 -4.78
C LEU B 255 6.38 4.09 -5.32
N PRO B 256 6.70 5.38 -5.07
CA PRO B 256 5.85 6.43 -5.54
C PRO B 256 5.83 6.52 -7.06
N GLU B 257 6.91 6.16 -7.74
CA GLU B 257 6.93 6.16 -9.24
C GLU B 257 5.93 5.09 -9.73
N ALA B 258 5.86 3.94 -9.06
CA ALA B 258 4.97 2.85 -9.47
C ALA B 258 3.53 3.33 -9.37
N VAL B 259 3.19 3.98 -8.28
CA VAL B 259 1.81 4.50 -8.03
C VAL B 259 1.51 5.59 -9.07
N LYS B 260 2.44 6.51 -9.29
CA LYS B 260 2.26 7.59 -10.31
C LYS B 260 1.97 6.94 -11.66
N SER B 261 2.63 5.81 -11.97
CA SER B 261 2.51 5.18 -13.31
C SER B 261 1.08 4.67 -13.52
N HIS B 262 0.39 4.27 -12.45
CA HIS B 262 -1.05 3.92 -12.52
C HIS B 262 -1.81 5.17 -12.99
N TYR B 263 -1.61 6.33 -12.37
CA TYR B 263 -2.35 7.57 -12.71
C TYR B 263 -2.00 7.99 -14.13
N ASP B 264 -0.75 7.82 -14.56
CA ASP B 264 -0.28 8.26 -15.91
C ASP B 264 -0.95 7.40 -16.98
N ARG B 265 -0.89 6.08 -16.81
N ARG B 265 -0.90 6.08 -16.80
CA ARG B 265 -1.54 5.13 -17.74
CA ARG B 265 -1.55 5.12 -17.74
C ARG B 265 -3.05 5.41 -17.78
C ARG B 265 -3.05 5.41 -17.78
N ALA B 266 -3.67 5.71 -16.65
CA ALA B 266 -5.13 5.99 -16.63
C ALA B 266 -5.42 7.26 -17.43
N ILE B 267 -4.61 8.29 -17.24
CA ILE B 267 -4.79 9.58 -17.97
C ILE B 267 -4.65 9.32 -19.48
N ALA B 268 -3.66 8.53 -19.87
CA ALA B 268 -3.40 8.13 -21.28
C ALA B 268 -4.60 7.38 -21.88
N ALA B 269 -5.35 6.61 -21.08
CA ALA B 269 -6.55 5.86 -21.53
C ALA B 269 -7.79 6.75 -21.49
N GLY B 270 -7.62 8.03 -21.14
CA GLY B 270 -8.70 9.03 -21.16
C GLY B 270 -9.48 9.13 -19.86
N HIS B 271 -8.97 8.58 -18.76
CA HIS B 271 -9.75 8.47 -17.51
C HIS B 271 -9.45 9.62 -16.54
N GLY B 272 -8.86 10.70 -17.04
CA GLY B 272 -8.60 11.93 -16.27
C GLY B 272 -9.76 12.35 -15.38
N ARG B 273 -10.99 12.26 -15.87
CA ARG B 273 -12.16 12.83 -15.14
C ARG B 273 -12.91 11.67 -14.48
N SER B 274 -12.39 10.45 -14.52
CA SER B 274 -12.96 9.28 -13.81
C SER B 274 -12.42 9.23 -12.36
N SER B 275 -13.12 8.52 -11.51
CA SER B 275 -12.70 8.06 -10.17
C SER B 275 -11.35 7.30 -10.26
N TRP B 276 -10.65 7.24 -9.13
CA TRP B 276 -9.40 6.46 -8.96
C TRP B 276 -9.68 4.98 -9.25
N THR B 277 -10.92 4.51 -9.12
CA THR B 277 -11.25 3.08 -9.43
C THR B 277 -10.94 2.77 -10.89
N SER B 278 -10.94 3.76 -11.78
CA SER B 278 -10.61 3.59 -13.23
C SER B 278 -9.19 3.05 -13.38
N LEU B 279 -8.31 3.26 -12.40
CA LEU B 279 -6.95 2.67 -12.49
C LEU B 279 -7.06 1.15 -12.67
N PHE B 280 -8.09 0.55 -12.08
CA PHE B 280 -8.39 -0.89 -12.27
C PHE B 280 -8.38 -1.24 -13.76
N GLU B 281 -8.86 -0.34 -14.62
CA GLU B 281 -9.01 -0.62 -16.08
C GLU B 281 -7.64 -0.79 -16.74
N ILE B 282 -6.60 -0.17 -16.21
CA ILE B 282 -5.18 -0.19 -16.68
C ILE B 282 -4.41 -1.30 -15.97
N ILE B 283 -4.83 -1.65 -14.76
CA ILE B 283 -4.07 -2.64 -13.94
C ILE B 283 -4.50 -4.05 -14.33
N LYS B 284 -5.76 -4.21 -14.73
CA LYS B 284 -6.33 -5.54 -15.02
C LYS B 284 -5.69 -6.18 -16.26
N ALA B 285 -5.90 -7.48 -16.41
CA ALA B 285 -5.40 -8.20 -17.59
C ALA B 285 -6.31 -7.96 -18.78
N ASP B 286 -5.74 -8.03 -19.97
CA ASP B 286 -6.56 -7.91 -21.21
C ASP B 286 -7.63 -8.99 -21.19
N ARG B 287 -8.89 -8.64 -21.40
CA ARG B 287 -9.98 -9.65 -21.47
C ARG B 287 -9.83 -10.45 -22.76
N SER C 2 22.46 -28.94 43.79
CA SER C 2 22.10 -27.82 44.70
C SER C 2 21.13 -26.85 44.00
N MET C 3 21.20 -25.56 44.32
CA MET C 3 20.18 -24.63 43.77
C MET C 3 20.73 -23.57 42.81
N ILE C 4 21.95 -23.71 42.28
CA ILE C 4 22.61 -22.67 41.43
C ILE C 4 21.63 -21.78 40.66
N THR C 5 21.73 -20.46 40.79
CA THR C 5 20.85 -19.52 40.04
C THR C 5 21.60 -18.83 38.88
N LEU C 6 20.87 -18.40 37.85
CA LEU C 6 21.48 -17.71 36.67
C LEU C 6 20.55 -16.56 36.27
N ILE C 7 21.09 -15.35 36.21
CA ILE C 7 20.40 -14.13 35.70
C ILE C 7 21.05 -13.79 34.36
N GLY C 8 20.30 -13.71 33.27
CA GLY C 8 20.80 -13.30 31.93
C GLY C 8 20.69 -14.43 30.94
N LEU C 9 19.61 -14.49 30.15
CA LEU C 9 19.38 -15.66 29.29
C LEU C 9 19.58 -15.26 27.83
N GLY C 10 20.72 -14.65 27.56
CA GLY C 10 21.28 -14.63 26.19
C GLY C 10 21.80 -16.02 25.86
N PRO C 11 22.36 -16.24 24.65
CA PRO C 11 22.85 -17.56 24.25
C PRO C 11 23.85 -18.18 25.24
N MET C 12 24.73 -17.38 25.85
CA MET C 12 25.72 -17.86 26.85
C MET C 12 24.97 -18.36 28.08
N GLY C 13 24.13 -17.51 28.66
CA GLY C 13 23.21 -17.84 29.78
C GLY C 13 22.52 -19.18 29.55
N GLN C 14 21.86 -19.32 28.41
CA GLN C 14 21.05 -20.51 28.07
C GLN C 14 21.97 -21.74 28.06
N ALA C 15 23.13 -21.66 27.40
CA ALA C 15 24.04 -22.83 27.24
C ALA C 15 24.53 -23.26 28.63
N MET C 16 24.77 -22.29 29.52
CA MET C 16 25.26 -22.53 30.90
C MET C 16 24.15 -23.26 31.70
N VAL C 17 22.93 -22.73 31.65
CA VAL C 17 21.75 -23.39 32.29
C VAL C 17 21.60 -24.82 31.75
N ARG C 18 21.57 -25.03 30.43
CA ARG C 18 21.40 -26.39 29.83
C ARG C 18 22.45 -27.34 30.44
N VAL C 19 23.68 -26.86 30.61
CA VAL C 19 24.80 -27.73 31.08
C VAL C 19 24.63 -28.00 32.58
N LEU C 20 24.26 -27.01 33.38
CA LEU C 20 24.00 -27.16 34.83
C LEU C 20 22.89 -28.21 35.05
N LEU C 21 21.79 -28.10 34.28
CA LEU C 21 20.66 -29.07 34.35
C LEU C 21 21.13 -30.48 33.94
N GLU C 22 21.76 -30.66 32.76
CA GLU C 22 22.24 -31.98 32.30
C GLU C 22 23.15 -32.65 33.36
N ASN C 23 23.62 -31.95 34.40
CA ASN C 23 24.56 -32.52 35.42
C ASN C 23 23.89 -32.52 36.79
N GLY C 24 22.55 -32.48 36.81
CA GLY C 24 21.73 -32.82 37.99
C GLY C 24 21.53 -31.65 38.94
N HIS C 25 22.00 -30.44 38.62
CA HIS C 25 21.71 -29.26 39.47
C HIS C 25 20.29 -28.76 39.17
N GLY C 26 19.65 -28.19 40.17
CA GLY C 26 18.46 -27.35 39.97
C GLY C 26 18.91 -25.95 39.62
N VAL C 27 18.14 -25.25 38.79
CA VAL C 27 18.48 -23.89 38.31
C VAL C 27 17.23 -23.01 38.35
N THR C 28 17.26 -22.00 39.23
CA THR C 28 16.33 -20.83 39.20
C THR C 28 16.89 -19.79 38.21
N VAL C 29 16.03 -19.23 37.36
CA VAL C 29 16.40 -18.17 36.37
C VAL C 29 15.45 -16.99 36.49
N TRP C 30 15.91 -15.85 36.01
CA TRP C 30 15.14 -14.60 35.77
C TRP C 30 15.82 -13.86 34.63
N ASN C 31 15.03 -13.21 33.77
CA ASN C 31 15.56 -12.42 32.64
C ASN C 31 14.64 -11.22 32.43
N ARG C 32 15.19 -10.09 32.02
CA ARG C 32 14.40 -8.88 31.67
C ARG C 32 13.32 -9.27 30.65
N THR C 33 13.58 -10.19 29.73
CA THR C 33 12.52 -10.70 28.80
C THR C 33 12.19 -12.15 29.21
N ALA C 34 11.17 -12.32 30.06
CA ALA C 34 10.73 -13.61 30.64
C ALA C 34 10.51 -14.67 29.55
N SER C 35 9.88 -14.33 28.42
CA SER C 35 9.52 -15.30 27.36
C SER C 35 10.78 -16.03 26.88
N ARG C 36 11.96 -15.44 27.06
CA ARG C 36 13.23 -16.00 26.53
C ARG C 36 13.67 -17.22 27.35
N ALA C 37 13.06 -17.46 28.52
CA ALA C 37 13.35 -18.62 29.40
C ALA C 37 12.60 -19.89 28.95
N ASP C 38 11.66 -19.80 27.99
CA ASP C 38 10.76 -20.93 27.62
C ASP C 38 11.60 -22.20 27.37
N GLY C 39 12.57 -22.16 26.46
CA GLY C 39 13.42 -23.32 26.12
C GLY C 39 14.07 -23.96 27.35
N VAL C 40 14.54 -23.15 28.31
CA VAL C 40 15.28 -23.68 29.50
C VAL C 40 14.26 -24.12 30.56
N VAL C 41 13.14 -23.41 30.72
CA VAL C 41 12.04 -23.85 31.65
C VAL C 41 11.60 -25.26 31.21
N ALA C 42 11.35 -25.45 29.90
CA ALA C 42 11.04 -26.78 29.30
C ALA C 42 12.13 -27.81 29.63
N ALA C 43 13.40 -27.44 29.72
CA ALA C 43 14.51 -28.40 29.95
C ALA C 43 14.68 -28.67 31.46
N GLY C 44 13.95 -27.98 32.35
CA GLY C 44 13.95 -28.25 33.80
C GLY C 44 14.10 -27.01 34.70
N ALA C 45 14.27 -25.82 34.14
CA ALA C 45 14.60 -24.62 34.96
C ALA C 45 13.31 -24.01 35.51
N VAL C 46 13.42 -23.35 36.65
CA VAL C 46 12.30 -22.65 37.34
C VAL C 46 12.41 -21.14 37.04
N ARG C 47 11.54 -20.59 36.19
CA ARG C 47 11.37 -19.11 36.06
C ARG C 47 10.86 -18.58 37.40
N VAL C 48 11.03 -17.29 37.65
CA VAL C 48 10.65 -16.61 38.91
C VAL C 48 10.26 -15.19 38.51
N ASP C 49 9.40 -14.51 39.27
CA ASP C 49 8.78 -13.23 38.83
C ASP C 49 9.85 -12.13 38.87
N THR C 50 10.65 -12.06 39.94
CA THR C 50 11.43 -10.85 40.32
C THR C 50 12.92 -11.19 40.51
N PRO C 51 13.85 -10.24 40.25
CA PRO C 51 15.27 -10.42 40.57
C PRO C 51 15.48 -10.89 42.02
N ALA C 52 14.85 -10.19 42.98
CA ALA C 52 14.92 -10.49 44.43
C ALA C 52 14.61 -11.98 44.68
N ASP C 53 13.63 -12.54 43.98
CA ASP C 53 13.22 -13.96 44.16
C ASP C 53 14.40 -14.85 43.71
N ALA C 54 15.00 -14.53 42.56
CA ALA C 54 16.06 -15.32 41.91
C ALA C 54 17.34 -15.30 42.77
N VAL C 55 17.71 -14.12 43.29
CA VAL C 55 18.89 -13.96 44.19
C VAL C 55 18.65 -14.78 45.47
N ALA C 56 17.46 -14.65 46.08
CA ALA C 56 17.10 -15.31 47.36
C ALA C 56 17.15 -16.84 47.19
N ALA C 57 16.84 -17.37 46.00
CA ALA C 57 16.66 -18.82 45.75
C ALA C 57 17.95 -19.63 45.90
N SER C 58 19.15 -19.03 45.90
CA SER C 58 20.42 -19.81 45.92
C SER C 58 21.58 -19.08 46.64
N GLU C 59 22.62 -19.85 46.97
CA GLU C 59 23.94 -19.36 47.46
C GLU C 59 24.70 -18.79 46.25
N LEU C 60 24.87 -19.58 45.18
CA LEU C 60 25.69 -19.23 43.96
C LEU C 60 24.81 -18.55 42.91
N VAL C 61 25.11 -17.30 42.57
CA VAL C 61 24.35 -16.47 41.59
C VAL C 61 25.26 -16.12 40.42
N LEU C 62 25.04 -16.76 39.26
CA LEU C 62 25.75 -16.47 37.98
C LEU C 62 25.04 -15.35 37.20
N LEU C 63 25.78 -14.32 36.75
CA LEU C 63 25.27 -13.24 35.85
C LEU C 63 25.89 -13.39 34.46
N SER C 64 25.06 -13.54 33.40
CA SER C 64 25.50 -13.51 31.98
C SER C 64 24.82 -12.34 31.28
N LEU C 65 25.37 -11.13 31.46
CA LEU C 65 24.83 -9.86 30.95
C LEU C 65 25.77 -9.21 29.93
N THR C 66 25.24 -8.28 29.14
CA THR C 66 25.94 -7.55 28.05
C THR C 66 27.10 -6.74 28.65
N ASP C 67 26.87 -6.19 29.85
CA ASP C 67 27.79 -5.28 30.57
C ASP C 67 27.45 -5.22 32.08
N TYR C 68 28.22 -4.44 32.84
CA TYR C 68 28.08 -4.34 34.31
C TYR C 68 26.94 -3.37 34.63
N ALA C 69 26.71 -2.33 33.81
CA ALA C 69 25.54 -1.42 33.93
C ALA C 69 24.26 -2.24 34.18
N ALA C 70 24.11 -3.37 33.46
CA ALA C 70 22.96 -4.30 33.57
C ALA C 70 22.89 -4.96 34.94
N MET C 71 24.04 -5.25 35.56
CA MET C 71 24.08 -5.80 36.94
C MET C 71 23.43 -4.80 37.91
N TYR C 72 23.78 -3.52 37.82
CA TYR C 72 23.24 -2.47 38.71
C TYR C 72 21.72 -2.34 38.46
N ASP C 73 21.28 -2.34 37.21
CA ASP C 73 19.84 -2.26 36.84
C ASP C 73 19.08 -3.41 37.50
N ILE C 74 19.63 -4.63 37.46
CA ILE C 74 18.94 -5.87 37.95
C ILE C 74 19.02 -5.95 39.48
N LEU C 75 20.23 -5.94 40.05
CA LEU C 75 20.46 -6.12 41.51
C LEU C 75 20.03 -4.85 42.27
N GLY C 76 19.87 -3.71 41.60
CA GLY C 76 19.30 -2.48 42.19
C GLY C 76 17.92 -2.72 42.78
N LYS C 77 17.18 -3.69 42.22
CA LYS C 77 15.81 -4.10 42.64
C LYS C 77 15.90 -5.39 43.47
N ALA C 78 16.98 -5.54 44.26
CA ALA C 78 17.25 -6.75 45.08
C ALA C 78 18.36 -6.55 46.13
N GLU C 79 18.59 -5.32 46.61
CA GLU C 79 19.76 -4.98 47.47
C GLU C 79 19.70 -5.72 48.82
N GLU C 80 18.51 -5.77 49.43
CA GLU C 80 18.25 -6.43 50.75
C GLU C 80 18.62 -7.93 50.66
N ALA C 81 18.34 -8.61 49.54
CA ALA C 81 18.45 -10.07 49.40
C ALA C 81 19.90 -10.54 49.16
N LEU C 82 20.85 -9.62 48.96
CA LEU C 82 22.23 -9.96 48.48
C LEU C 82 23.04 -10.66 49.58
N THR C 83 22.77 -10.32 50.85
CA THR C 83 23.57 -10.72 52.03
C THR C 83 23.78 -12.23 52.02
N GLY C 84 25.03 -12.68 52.07
CA GLY C 84 25.40 -14.11 52.19
C GLY C 84 25.47 -14.83 50.85
N LYS C 85 25.09 -14.19 49.73
CA LYS C 85 25.13 -14.85 48.40
C LYS C 85 26.54 -14.68 47.79
N VAL C 86 26.87 -15.52 46.81
CA VAL C 86 28.14 -15.46 46.03
C VAL C 86 27.84 -15.14 44.56
N ILE C 87 28.19 -13.92 44.14
CA ILE C 87 27.99 -13.39 42.76
C ILE C 87 29.20 -13.75 41.90
N VAL C 88 28.99 -14.56 40.87
CA VAL C 88 29.98 -14.81 39.77
C VAL C 88 29.49 -14.04 38.54
N ASN C 89 30.15 -12.93 38.19
CA ASN C 89 29.82 -12.11 37.00
C ASN C 89 30.65 -12.58 35.79
N LEU C 90 29.99 -13.13 34.77
CA LEU C 90 30.66 -13.64 33.53
C LEU C 90 30.41 -12.71 32.35
N SER C 91 30.44 -11.40 32.60
CA SER C 91 30.11 -10.32 31.64
C SER C 91 31.37 -9.50 31.28
N SER C 92 31.44 -9.02 30.04
CA SER C 92 32.46 -8.06 29.56
C SER C 92 32.22 -6.69 30.21
N ASP C 93 33.27 -6.02 30.68
CA ASP C 93 33.31 -4.57 31.00
C ASP C 93 34.77 -4.20 31.29
N THR C 94 35.04 -2.98 31.78
CA THR C 94 36.44 -2.54 32.04
C THR C 94 36.91 -3.18 33.35
N PRO C 95 38.23 -3.45 33.50
CA PRO C 95 38.79 -3.82 34.81
C PRO C 95 38.41 -2.83 35.94
N GLU C 96 38.53 -1.53 35.72
CA GLU C 96 38.19 -0.53 36.76
C GLU C 96 36.72 -0.73 37.20
N LYS C 97 35.79 -0.96 36.28
CA LYS C 97 34.35 -1.09 36.65
C LYS C 97 34.14 -2.44 37.31
N THR C 98 34.99 -3.43 36.98
CA THR C 98 34.92 -4.78 37.60
C THR C 98 35.22 -4.65 39.10
N ARG C 99 36.25 -3.89 39.46
CA ARG C 99 36.58 -3.72 40.90
C ARG C 99 35.49 -2.91 41.58
N GLU C 100 35.02 -1.84 40.95
CA GLU C 100 33.99 -0.96 41.55
C GLU C 100 32.74 -1.82 41.84
N ALA C 101 32.44 -2.83 41.01
CA ALA C 101 31.22 -3.65 41.19
C ALA C 101 31.45 -4.64 42.34
N ALA C 102 32.66 -5.17 42.46
CA ALA C 102 33.05 -6.05 43.58
C ALA C 102 32.81 -5.31 44.91
N GLU C 103 33.23 -4.05 44.99
CA GLU C 103 33.08 -3.22 46.21
C GLU C 103 31.60 -3.01 46.52
N TRP C 104 30.79 -2.72 45.51
CA TRP C 104 29.34 -2.45 45.67
C TRP C 104 28.63 -3.72 46.17
N VAL C 105 28.99 -4.88 45.62
CA VAL C 105 28.38 -6.18 46.02
C VAL C 105 28.85 -6.55 47.43
N GLU C 106 30.12 -6.31 47.77
CA GLU C 106 30.70 -6.75 49.07
C GLU C 106 30.14 -5.85 50.17
N ALA C 107 29.93 -4.55 49.89
CA ALA C 107 29.23 -3.59 50.78
C ALA C 107 27.78 -4.04 51.07
N ARG C 108 27.16 -4.85 50.22
CA ARG C 108 25.78 -5.37 50.41
C ARG C 108 25.85 -6.79 51.02
N GLY C 109 27.03 -7.19 51.50
CA GLY C 109 27.25 -8.40 52.32
C GLY C 109 27.34 -9.69 51.51
N ALA C 110 27.65 -9.62 50.21
CA ALA C 110 27.85 -10.82 49.35
C ALA C 110 29.33 -10.94 48.98
N LYS C 111 29.73 -12.09 48.42
CA LYS C 111 31.10 -12.27 47.86
C LYS C 111 31.01 -12.04 46.34
N PHE C 112 32.09 -11.60 45.70
CA PHE C 112 32.13 -11.28 44.25
C PHE C 112 33.34 -11.94 43.58
N ILE C 113 33.05 -12.74 42.56
CA ILE C 113 34.05 -13.35 41.66
C ILE C 113 33.77 -12.88 40.24
N ALA C 114 34.84 -12.53 39.51
CA ALA C 114 34.78 -12.16 38.08
C ALA C 114 35.18 -13.36 37.24
N GLY C 115 34.45 -13.59 36.14
CA GLY C 115 34.74 -14.62 35.15
C GLY C 115 34.71 -14.06 33.73
N GLY C 116 35.45 -14.69 32.82
CA GLY C 116 35.42 -14.41 31.38
C GLY C 116 35.43 -15.72 30.63
N VAL C 117 34.33 -16.02 29.94
CA VAL C 117 34.18 -17.31 29.22
C VAL C 117 34.89 -17.16 27.88
N MET C 118 35.71 -18.11 27.50
CA MET C 118 36.63 -17.96 26.35
C MET C 118 36.22 -18.84 25.19
N VAL C 119 34.95 -19.20 25.10
CA VAL C 119 34.41 -19.93 23.90
C VAL C 119 32.99 -19.40 23.70
N PRO C 120 32.45 -19.57 22.47
CA PRO C 120 31.04 -19.26 22.22
C PRO C 120 30.10 -20.33 22.80
N ALA C 121 28.81 -20.01 22.84
CA ALA C 121 27.74 -20.76 23.55
C ALA C 121 27.75 -22.24 23.16
N ALA C 122 27.90 -22.53 21.87
CA ALA C 122 27.92 -23.90 21.29
C ALA C 122 29.00 -24.78 21.95
N LEU C 123 30.06 -24.20 22.53
CA LEU C 123 31.19 -24.98 23.08
C LEU C 123 31.18 -24.90 24.61
N VAL C 124 30.24 -24.19 25.22
CA VAL C 124 30.10 -24.23 26.70
C VAL C 124 29.93 -25.69 27.15
N GLY C 125 30.69 -26.11 28.16
CA GLY C 125 30.63 -27.47 28.75
C GLY C 125 31.38 -28.51 27.94
N LYS C 126 31.83 -28.23 26.71
CA LYS C 126 32.69 -29.16 25.93
C LYS C 126 34.17 -29.03 26.36
N ASP C 127 35.06 -29.75 25.64
CA ASP C 127 36.49 -29.96 25.98
C ASP C 127 37.28 -28.66 25.79
N GLU C 128 37.00 -27.95 24.70
CA GLU C 128 37.71 -26.70 24.32
C GLU C 128 37.47 -25.63 25.40
N ALA C 129 36.38 -25.72 26.16
CA ALA C 129 35.88 -24.59 26.98
C ALA C 129 36.85 -24.33 28.14
N TYR C 130 37.13 -23.05 28.38
CA TYR C 130 37.84 -22.58 29.59
C TYR C 130 37.31 -21.20 29.96
N VAL C 131 37.49 -20.81 31.21
CA VAL C 131 36.95 -19.56 31.78
C VAL C 131 37.97 -18.95 32.75
N PHE C 132 38.32 -17.68 32.58
CA PHE C 132 39.16 -16.94 33.56
C PHE C 132 38.27 -16.70 34.79
N TYR C 133 38.80 -16.92 35.98
CA TYR C 133 38.18 -16.46 37.25
C TYR C 133 39.20 -15.70 38.08
N SER C 134 38.73 -14.76 38.89
CA SER C 134 39.54 -13.97 39.84
C SER C 134 38.64 -13.41 40.96
N GLY C 135 39.21 -13.22 42.15
CA GLY C 135 38.50 -12.83 43.38
C GLY C 135 38.95 -13.69 44.56
N PRO C 136 38.20 -13.69 45.69
CA PRO C 136 38.58 -14.49 46.86
C PRO C 136 38.67 -16.00 46.56
N ALA C 137 39.85 -16.60 46.82
CA ALA C 137 40.19 -18.01 46.46
C ALA C 137 39.36 -19.00 47.30
N ASP C 138 39.16 -18.72 48.59
CA ASP C 138 38.40 -19.62 49.51
C ASP C 138 36.98 -19.78 48.97
N VAL C 139 36.32 -18.67 48.67
CA VAL C 139 34.95 -18.63 48.06
C VAL C 139 34.96 -19.40 46.73
N PHE C 140 35.89 -19.08 45.84
CA PHE C 140 36.04 -19.76 44.53
C PHE C 140 36.11 -21.28 44.76
N GLU C 141 36.94 -21.72 45.71
CA GLU C 141 37.21 -23.16 45.94
C GLU C 141 35.90 -23.83 46.40
N LYS C 142 35.08 -23.14 47.20
CA LYS C 142 33.76 -23.64 47.69
C LYS C 142 32.87 -23.99 46.48
N HIS C 143 32.96 -23.32 45.32
CA HIS C 143 32.03 -23.58 44.18
C HIS C 143 32.77 -24.00 42.91
N ARG C 144 34.06 -24.31 43.02
CA ARG C 144 34.89 -24.71 41.85
C ARG C 144 34.20 -25.85 41.08
N GLU C 145 33.69 -26.85 41.80
CA GLU C 145 33.24 -28.12 41.17
C GLU C 145 32.07 -27.85 40.22
N ALA C 146 31.16 -26.96 40.64
CA ALA C 146 29.98 -26.55 39.85
C ALA C 146 30.43 -25.73 38.62
N LEU C 147 31.28 -24.71 38.86
CA LEU C 147 31.76 -23.81 37.79
C LEU C 147 32.47 -24.62 36.68
N ALA C 148 33.16 -25.70 37.05
CA ALA C 148 34.01 -26.49 36.13
C ALA C 148 33.16 -27.21 35.06
N LEU C 149 31.84 -27.32 35.29
CA LEU C 149 30.92 -27.96 34.32
C LEU C 149 30.81 -27.09 33.06
N ILE C 150 30.98 -25.77 33.23
CA ILE C 150 30.90 -24.75 32.15
C ILE C 150 32.16 -24.74 31.29
N GLY C 151 33.35 -24.95 31.88
CA GLY C 151 34.62 -25.18 31.18
C GLY C 151 35.78 -25.15 32.16
N ARG C 152 37.00 -25.52 31.74
CA ARG C 152 38.15 -25.60 32.69
C ARG C 152 38.30 -24.24 33.39
N PRO C 153 38.20 -24.14 34.73
CA PRO C 153 38.44 -22.87 35.42
C PRO C 153 39.93 -22.58 35.55
N ASP C 154 40.35 -21.38 35.12
CA ASP C 154 41.72 -20.85 35.33
C ASP C 154 41.63 -19.73 36.35
N PHE C 155 41.89 -20.06 37.60
CA PHE C 155 41.98 -19.07 38.68
C PHE C 155 43.26 -18.26 38.45
N LEU C 156 43.11 -16.96 38.30
CA LEU C 156 44.24 -16.07 37.94
C LEU C 156 44.85 -15.42 39.17
N GLY C 157 44.10 -15.27 40.26
CA GLY C 157 44.55 -14.52 41.46
C GLY C 157 43.43 -13.82 42.20
N GLU C 158 43.75 -13.16 43.29
CA GLU C 158 42.77 -12.63 44.27
C GLU C 158 42.32 -11.24 43.81
N ASP C 159 43.15 -10.55 43.02
CA ASP C 159 42.77 -9.23 42.43
C ASP C 159 41.61 -9.49 41.45
N VAL C 160 40.43 -9.05 41.82
CA VAL C 160 39.17 -9.40 41.11
C VAL C 160 39.26 -8.93 39.66
N ARG C 161 40.10 -7.93 39.37
CA ARG C 161 40.28 -7.39 38.00
C ARG C 161 40.92 -8.40 37.03
N LEU C 162 41.60 -9.43 37.48
CA LEU C 162 42.51 -10.20 36.59
C LEU C 162 41.70 -10.91 35.51
N ALA C 163 40.56 -11.52 35.83
CA ALA C 163 39.79 -12.28 34.82
C ALA C 163 39.31 -11.30 33.73
N GLN C 164 38.90 -10.08 34.11
CA GLN C 164 38.39 -9.06 33.16
C GLN C 164 39.56 -8.62 32.26
N LEU C 165 40.71 -8.39 32.85
CA LEU C 165 41.92 -7.98 32.10
C LEU C 165 42.23 -9.02 31.04
N PHE C 166 42.28 -10.29 31.42
CA PHE C 166 42.63 -11.40 30.49
C PHE C 166 41.52 -11.51 29.44
N TYR C 167 40.26 -11.31 29.85
CA TYR C 167 39.12 -11.37 28.91
C TYR C 167 39.35 -10.30 27.84
N GLN C 168 39.56 -9.05 28.27
CA GLN C 168 39.70 -7.88 27.37
C GLN C 168 40.92 -8.08 26.46
N ALA C 169 41.99 -8.69 26.98
CA ALA C 169 43.23 -8.87 26.20
C ALA C 169 42.97 -9.89 25.09
N GLN C 170 42.24 -10.96 25.40
CA GLN C 170 41.89 -12.01 24.39
C GLN C 170 40.91 -11.43 23.37
N LEU C 171 40.02 -10.57 23.84
CA LEU C 171 39.00 -9.88 23.02
C LEU C 171 39.69 -8.96 22.02
N ASP C 172 40.74 -8.29 22.50
CA ASP C 172 41.54 -7.35 21.71
C ASP C 172 42.03 -8.13 20.48
N ILE C 173 42.63 -9.30 20.69
CA ILE C 173 43.15 -10.11 19.56
C ILE C 173 41.97 -10.58 18.71
N PHE C 174 40.92 -11.04 19.37
CA PHE C 174 39.77 -11.69 18.70
C PHE C 174 39.06 -10.67 17.78
N LEU C 175 38.64 -9.50 18.30
CA LEU C 175 37.85 -8.53 17.49
C LEU C 175 38.70 -8.00 16.35
N ASN C 176 39.99 -7.80 16.60
CA ASN C 176 40.94 -7.34 15.57
C ASN C 176 40.99 -8.34 14.42
N SER C 177 41.14 -9.61 14.79
CA SER C 177 41.25 -10.70 13.80
C SER C 177 40.00 -10.68 12.90
N LEU C 178 38.80 -10.58 13.49
CA LEU C 178 37.53 -10.53 12.71
C LEU C 178 37.58 -9.33 11.78
N SER C 179 37.85 -8.16 12.33
CA SER C 179 37.76 -6.91 11.52
C SER C 179 38.82 -7.00 10.43
N ALA C 180 39.96 -7.60 10.71
CA ALA C 180 41.06 -7.64 9.72
C ALA C 180 40.68 -8.64 8.62
N PHE C 181 40.15 -9.79 9.01
CA PHE C 181 39.65 -10.80 8.06
C PHE C 181 38.62 -10.16 7.13
N MET C 182 37.62 -9.46 7.69
CA MET C 182 36.56 -8.80 6.90
C MET C 182 37.18 -7.71 6.02
N HIS C 183 38.15 -6.97 6.53
CA HIS C 183 38.82 -5.87 5.78
C HIS C 183 39.56 -6.47 4.57
N ALA C 184 40.34 -7.52 4.79
CA ALA C 184 41.13 -8.17 3.73
C ALA C 184 40.14 -8.72 2.71
N SER C 185 39.11 -9.43 3.19
CA SER C 185 38.02 -9.98 2.35
C SER C 185 37.45 -8.85 1.48
N ALA C 186 37.15 -7.70 2.09
CA ALA C 186 36.56 -6.54 1.40
C ALA C 186 37.49 -6.06 0.30
N LEU C 187 38.79 -6.10 0.53
CA LEU C 187 39.77 -5.56 -0.47
C LEU C 187 39.72 -6.47 -1.71
N VAL C 188 39.70 -7.76 -1.44
CA VAL C 188 39.63 -8.83 -2.44
C VAL C 188 38.28 -8.69 -3.19
N ARG C 189 37.14 -8.65 -2.47
CA ARG C 189 35.80 -8.62 -3.12
C ARG C 189 35.72 -7.32 -3.93
N SER C 190 36.35 -6.25 -3.48
CA SER C 190 36.33 -4.97 -4.21
C SER C 190 36.90 -5.16 -5.61
N ALA C 191 37.86 -6.06 -5.81
CA ALA C 191 38.53 -6.22 -7.12
C ALA C 191 37.80 -7.27 -7.98
N GLY C 192 36.69 -7.83 -7.50
CA GLY C 192 35.89 -8.80 -8.26
C GLY C 192 36.34 -10.22 -8.01
N VAL C 193 37.26 -10.44 -7.09
CA VAL C 193 37.75 -11.82 -6.81
C VAL C 193 36.85 -12.43 -5.75
N PRO C 194 36.29 -13.63 -5.99
CA PRO C 194 35.46 -14.28 -4.97
C PRO C 194 36.28 -14.69 -3.75
N LEU C 195 35.64 -14.60 -2.61
CA LEU C 195 36.26 -14.90 -1.30
C LEU C 195 36.75 -16.35 -1.24
N GLU C 196 36.10 -17.29 -1.92
CA GLU C 196 36.50 -18.72 -1.90
C GLU C 196 37.96 -18.83 -2.37
N LYS C 197 38.39 -17.99 -3.34
CA LYS C 197 39.77 -18.05 -3.92
C LYS C 197 40.81 -17.59 -2.87
N PHE C 198 40.45 -16.65 -1.99
CA PHE C 198 41.38 -16.01 -1.00
C PHE C 198 41.41 -16.78 0.33
N TRP C 199 40.29 -17.42 0.70
CA TRP C 199 40.14 -18.04 2.05
C TRP C 199 41.31 -18.96 2.40
N PRO C 200 41.75 -19.89 1.50
CA PRO C 200 42.80 -20.83 1.88
C PRO C 200 44.07 -20.07 2.32
N TYR C 201 44.40 -18.97 1.66
CA TYR C 201 45.56 -18.11 2.05
C TYR C 201 45.31 -17.42 3.40
N ALA C 202 44.15 -16.84 3.61
CA ALA C 202 43.81 -16.18 4.89
C ALA C 202 43.94 -17.20 6.01
N LYS C 203 43.37 -18.39 5.81
CA LYS C 203 43.36 -19.47 6.82
C LYS C 203 44.81 -19.77 7.22
N ASP C 204 45.67 -19.97 6.23
CA ASP C 204 47.10 -20.39 6.40
C ASP C 204 47.83 -19.31 7.19
N ASN C 205 47.57 -18.05 6.84
CA ASN C 205 48.11 -16.82 7.45
C ASN C 205 47.81 -16.83 8.95
N PHE C 206 46.55 -16.95 9.34
CA PHE C 206 46.16 -17.04 10.77
C PHE C 206 46.78 -18.27 11.44
N GLU C 207 46.86 -19.40 10.74
CA GLU C 207 47.33 -20.66 11.37
C GLU C 207 48.83 -20.56 11.67
N SER C 208 49.56 -19.80 10.84
CA SER C 208 51.01 -19.58 10.93
C SER C 208 51.38 -18.50 11.99
N MET C 209 50.41 -17.74 12.52
CA MET C 209 50.68 -16.55 13.36
C MET C 209 51.47 -16.91 14.62
N GLY C 210 51.06 -17.95 15.35
CA GLY C 210 51.72 -18.39 16.59
C GLY C 210 53.22 -18.59 16.35
N PHE C 211 53.61 -19.09 15.18
CA PHE C 211 55.02 -19.31 14.80
C PHE C 211 55.74 -17.96 14.73
N TYR C 212 55.25 -16.96 13.99
CA TYR C 212 55.94 -15.65 13.79
C TYR C 212 55.93 -14.85 15.09
N LEU C 213 55.05 -15.13 16.04
CA LEU C 213 54.89 -14.31 17.27
C LEU C 213 55.73 -14.87 18.42
N GLU C 214 56.05 -16.17 18.47
CA GLU C 214 56.75 -16.78 19.64
C GLU C 214 58.05 -16.03 19.93
N PRO C 215 58.95 -15.83 18.94
CA PRO C 215 60.20 -15.08 19.14
C PRO C 215 60.01 -13.64 19.66
N ALA C 216 58.92 -12.99 19.26
CA ALA C 216 58.63 -11.57 19.57
C ALA C 216 58.40 -11.40 21.06
N VAL C 217 58.01 -12.44 21.77
CA VAL C 217 57.68 -12.30 23.22
C VAL C 217 58.94 -11.83 23.96
N GLU C 218 60.05 -12.52 23.72
CA GLU C 218 61.36 -12.21 24.34
C GLU C 218 61.75 -10.78 23.97
N GLN C 219 61.71 -10.44 22.68
CA GLN C 219 61.99 -9.06 22.18
C GLN C 219 61.17 -8.02 22.97
N ILE C 220 59.88 -8.26 23.20
CA ILE C 220 59.03 -7.28 23.92
C ILE C 220 59.43 -7.25 25.40
N GLU C 221 59.65 -8.42 26.01
CA GLU C 221 60.01 -8.52 27.45
C GLU C 221 61.27 -7.67 27.70
N LYS C 222 62.23 -7.72 26.77
CA LYS C 222 63.61 -7.19 26.97
C LYS C 222 63.87 -5.87 26.23
N GLY C 223 62.95 -5.35 25.42
CA GLY C 223 63.16 -4.08 24.68
C GLY C 223 64.21 -4.23 23.60
N ASP C 224 64.29 -5.42 22.99
CA ASP C 224 65.37 -5.85 22.06
C ASP C 224 64.73 -6.04 20.68
N HIS C 225 64.92 -5.08 19.80
CA HIS C 225 64.13 -4.89 18.59
C HIS C 225 65.07 -4.81 17.40
N PRO C 226 65.83 -5.87 17.12
CA PRO C 226 66.75 -5.87 15.98
C PRO C 226 66.00 -5.84 14.65
N GLY C 227 66.36 -4.93 13.75
CA GLY C 227 65.65 -4.77 12.46
C GLY C 227 66.32 -5.46 11.28
N ASP C 228 67.36 -6.26 11.48
CA ASP C 228 68.18 -6.71 10.31
C ASP C 228 67.31 -7.61 9.41
N GLU C 229 66.37 -8.39 9.97
CA GLU C 229 65.49 -9.30 9.18
C GLU C 229 64.30 -8.56 8.55
N ALA C 230 63.82 -7.50 9.19
CA ALA C 230 62.67 -6.68 8.69
C ALA C 230 62.50 -5.46 9.58
N ASP C 231 62.58 -4.25 9.00
CA ASP C 231 62.57 -2.97 9.77
C ASP C 231 61.22 -2.26 9.65
N VAL C 232 61.01 -1.34 10.60
CA VAL C 232 59.83 -0.44 10.68
C VAL C 232 59.74 0.46 9.44
N ILE C 233 60.86 0.85 8.82
CA ILE C 233 60.81 1.72 7.62
C ILE C 233 60.12 0.93 6.50
N MET C 234 60.47 -0.33 6.33
CA MET C 234 59.97 -1.18 5.24
C MET C 234 58.50 -1.55 5.54
N MET C 235 58.24 -1.93 6.79
CA MET C 235 56.89 -2.38 7.19
C MET C 235 55.95 -1.18 7.24
N GLY C 236 56.42 -0.02 7.68
CA GLY C 236 55.60 1.19 7.70
C GLY C 236 55.20 1.60 6.30
N ALA C 237 56.10 1.41 5.33
CA ALA C 237 55.84 1.76 3.91
C ALA C 237 54.68 0.88 3.41
N SER C 238 54.79 -0.41 3.67
CA SER C 238 53.79 -1.44 3.30
C SER C 238 52.44 -1.10 3.97
N ALA C 239 52.43 -0.67 5.22
CA ALA C 239 51.20 -0.28 5.92
C ALA C 239 50.57 0.90 5.14
N GLY C 240 51.37 1.78 4.56
CA GLY C 240 50.85 2.94 3.80
C GLY C 240 50.32 2.50 2.45
N HIS C 241 50.98 1.51 1.85
CA HIS C 241 50.48 0.80 0.64
C HIS C 241 49.07 0.28 0.95
N LEU C 242 48.88 -0.40 2.07
CA LEU C 242 47.57 -0.96 2.44
C LEU C 242 46.55 0.19 2.55
N VAL C 243 46.95 1.30 3.17
CA VAL C 243 46.03 2.45 3.36
C VAL C 243 45.64 2.96 1.97
N GLN C 244 46.61 3.21 1.07
CA GLN C 244 46.33 3.76 -0.27
C GLN C 244 45.45 2.75 -1.04
N ALA C 245 45.77 1.46 -0.97
CA ALA C 245 45.04 0.40 -1.70
C ALA C 245 43.58 0.42 -1.25
N SER C 246 43.35 0.64 0.05
CA SER C 246 42.02 0.69 0.67
C SER C 246 41.25 1.92 0.12
N ARG C 247 41.88 3.08 0.05
CA ARG C 247 41.27 4.29 -0.56
C ARG C 247 40.89 3.99 -2.01
N ASP C 248 41.86 3.52 -2.81
CA ASP C 248 41.68 3.08 -4.22
C ASP C 248 40.43 2.17 -4.34
N ALA C 249 40.24 1.23 -3.42
CA ALA C 249 39.19 0.18 -3.51
C ALA C 249 37.85 0.70 -2.95
N GLY C 250 37.82 1.89 -2.34
CA GLY C 250 36.64 2.41 -1.63
C GLY C 250 36.24 1.59 -0.41
N ILE C 251 37.14 0.89 0.25
CA ILE C 251 36.79 0.17 1.53
C ILE C 251 37.17 1.01 2.74
N ASP C 252 36.82 0.52 3.93
CA ASP C 252 37.17 1.17 5.23
C ASP C 252 38.65 1.53 5.25
N VAL C 253 38.96 2.72 5.76
CA VAL C 253 40.36 3.17 5.97
C VAL C 253 40.68 3.29 7.48
N ALA C 254 39.70 3.22 8.37
CA ALA C 254 39.98 3.43 9.82
C ALA C 254 41.01 2.38 10.31
N LEU C 255 40.77 1.11 10.03
CA LEU C 255 41.63 0.02 10.54
C LEU C 255 43.04 0.16 9.97
N PRO C 256 43.24 0.25 8.66
CA PRO C 256 44.60 0.36 8.15
C PRO C 256 45.27 1.68 8.59
N GLU C 257 44.52 2.76 8.76
CA GLU C 257 45.10 4.04 9.27
C GLU C 257 45.58 3.84 10.72
N ALA C 258 44.85 3.09 11.53
CA ALA C 258 45.22 2.81 12.92
C ALA C 258 46.56 2.07 12.95
N VAL C 259 46.68 1.04 12.12
CA VAL C 259 47.93 0.24 12.04
C VAL C 259 49.07 1.11 11.51
N LYS C 260 48.84 1.90 10.48
CA LYS C 260 49.89 2.79 9.92
C LYS C 260 50.34 3.76 11.03
N SER C 261 49.44 4.18 11.92
CA SER C 261 49.77 5.16 12.98
C SER C 261 50.76 4.55 13.99
N HIS C 262 50.71 3.23 14.17
CA HIS C 262 51.74 2.52 14.97
C HIS C 262 53.11 2.73 14.32
N TYR C 263 53.24 2.45 13.03
CA TYR C 263 54.53 2.56 12.30
C TYR C 263 54.98 4.03 12.30
N ASP C 264 54.07 4.99 12.17
CA ASP C 264 54.44 6.43 12.06
C ASP C 264 54.98 6.91 13.41
N ARG C 265 54.26 6.62 14.48
CA ARG C 265 54.69 6.97 15.85
C ARG C 265 56.04 6.29 16.13
N ALA C 266 56.25 5.04 15.70
CA ALA C 266 57.53 4.34 15.95
C ALA C 266 58.65 5.07 15.22
N ILE C 267 58.42 5.47 13.98
CA ILE C 267 59.46 6.17 13.17
C ILE C 267 59.80 7.49 13.87
N ALA C 268 58.80 8.21 14.36
CA ALA C 268 58.96 9.49 15.08
C ALA C 268 59.79 9.28 16.36
N ALA C 269 59.69 8.14 17.02
CA ALA C 269 60.44 7.79 18.26
C ALA C 269 61.83 7.24 17.89
N GLY C 270 62.17 7.20 16.60
CA GLY C 270 63.50 6.88 16.10
C GLY C 270 63.68 5.40 15.80
N HIS C 271 62.60 4.63 15.69
CA HIS C 271 62.69 3.14 15.58
C HIS C 271 62.66 2.63 14.12
N GLY C 272 62.90 3.51 13.16
CA GLY C 272 62.90 3.13 11.72
C GLY C 272 63.65 1.85 11.44
N ARG C 273 64.84 1.69 12.03
CA ARG C 273 65.73 0.55 11.70
C ARG C 273 65.53 -0.61 12.68
N SER C 274 64.68 -0.44 13.68
CA SER C 274 64.29 -1.53 14.61
C SER C 274 63.24 -2.48 13.97
N SER C 275 63.11 -3.67 14.58
CA SER C 275 62.04 -4.67 14.35
C SER C 275 60.67 -4.04 14.62
N TRP C 276 59.62 -4.66 14.05
CA TRP C 276 58.22 -4.29 14.28
C TRP C 276 57.89 -4.40 15.75
N THR C 277 58.62 -5.20 16.52
CA THR C 277 58.36 -5.33 17.99
C THR C 277 58.54 -3.97 18.68
N SER C 278 59.34 -3.06 18.12
CA SER C 278 59.56 -1.70 18.67
C SER C 278 58.23 -0.94 18.74
N LEU C 279 57.22 -1.29 17.93
CA LEU C 279 55.90 -0.63 18.04
C LEU C 279 55.38 -0.75 19.47
N PHE C 280 55.70 -1.85 20.15
CA PHE C 280 55.36 -2.03 21.57
C PHE C 280 55.78 -0.78 22.37
N GLU C 281 56.92 -0.17 22.02
CA GLU C 281 57.51 0.94 22.82
C GLU C 281 56.60 2.19 22.72
N ILE C 282 55.87 2.36 21.62
CA ILE C 282 54.94 3.52 21.44
C ILE C 282 53.51 3.12 21.78
N ILE C 283 53.18 1.83 21.83
CA ILE C 283 51.82 1.37 22.19
C ILE C 283 51.68 1.35 23.73
N LYS C 284 52.74 0.93 24.44
CA LYS C 284 52.70 0.65 25.91
C LYS C 284 52.41 1.97 26.66
N ALA C 285 51.91 1.89 27.89
CA ALA C 285 51.76 3.07 28.78
C ALA C 285 53.14 3.59 29.17
N ASP C 286 53.25 4.92 29.35
CA ASP C 286 54.47 5.57 29.90
C ASP C 286 54.82 4.93 31.25
N ARG C 287 56.05 4.41 31.43
CA ARG C 287 56.54 3.89 32.75
C ARG C 287 56.45 5.05 33.78
N LYS C 288 56.37 6.32 33.32
CA LYS C 288 56.18 7.58 34.13
C LYS C 288 55.40 7.29 35.42
N GLU D 1 -49.77 27.25 -6.63
CA GLU D 1 -48.97 26.35 -7.51
C GLU D 1 -49.17 24.90 -7.07
N SER D 2 -49.53 24.01 -8.00
CA SER D 2 -49.86 22.62 -7.62
C SER D 2 -48.60 21.81 -7.33
N MET D 3 -48.79 20.60 -6.79
CA MET D 3 -47.64 19.72 -6.49
C MET D 3 -47.49 18.72 -7.65
N ILE D 4 -46.27 18.61 -8.17
CA ILE D 4 -46.02 17.62 -9.26
C ILE D 4 -44.94 16.66 -8.79
N THR D 5 -45.12 15.36 -9.05
CA THR D 5 -44.04 14.38 -8.73
C THR D 5 -43.08 14.26 -9.93
N LEU D 6 -41.79 14.15 -9.66
CA LEU D 6 -40.76 13.74 -10.63
C LEU D 6 -39.94 12.58 -10.04
N ILE D 7 -39.91 11.44 -10.72
CA ILE D 7 -39.07 10.26 -10.38
C ILE D 7 -37.93 10.19 -11.39
N GLY D 8 -36.68 10.17 -10.93
CA GLY D 8 -35.47 10.07 -11.73
C GLY D 8 -34.66 11.35 -11.63
N LEU D 9 -33.64 11.38 -10.77
CA LEU D 9 -32.88 12.63 -10.57
C LEU D 9 -31.50 12.50 -11.21
N GLY D 10 -31.45 12.06 -12.46
CA GLY D 10 -30.31 12.35 -13.34
C GLY D 10 -30.32 13.83 -13.70
N PRO D 11 -29.34 14.31 -14.49
CA PRO D 11 -29.24 15.73 -14.81
C PRO D 11 -30.52 16.33 -15.43
N MET D 12 -31.25 15.57 -16.25
CA MET D 12 -32.51 16.05 -16.89
C MET D 12 -33.56 16.22 -15.80
N GLY D 13 -33.80 15.16 -15.00
CA GLY D 13 -34.66 15.18 -13.82
C GLY D 13 -34.43 16.44 -12.98
N GLN D 14 -33.19 16.67 -12.58
CA GLN D 14 -32.82 17.78 -11.68
C GLN D 14 -33.18 19.11 -12.34
N ALA D 15 -32.84 19.30 -13.62
CA ALA D 15 -33.06 20.58 -14.32
C ALA D 15 -34.58 20.86 -14.39
N MET D 16 -35.37 19.79 -14.60
CA MET D 16 -36.85 19.86 -14.70
C MET D 16 -37.42 20.29 -13.35
N VAL D 17 -37.00 19.64 -12.27
CA VAL D 17 -37.39 20.01 -10.89
C VAL D 17 -37.02 21.49 -10.63
N ARG D 18 -35.77 21.91 -10.86
CA ARG D 18 -35.32 23.31 -10.62
C ARG D 18 -36.28 24.27 -11.32
N VAL D 19 -36.72 23.94 -12.53
CA VAL D 19 -37.56 24.87 -13.36
C VAL D 19 -38.98 24.87 -12.81
N LEU D 20 -39.52 23.71 -12.43
CA LEU D 20 -40.87 23.61 -11.82
C LEU D 20 -40.91 24.44 -10.53
N LEU D 21 -39.89 24.33 -9.66
CA LEU D 21 -39.75 25.12 -8.41
C LEU D 21 -39.65 26.61 -8.74
N GLU D 22 -38.71 27.06 -9.59
CA GLU D 22 -38.55 28.50 -9.93
C GLU D 22 -39.88 29.08 -10.48
N ASN D 23 -40.93 28.30 -10.77
CA ASN D 23 -42.23 28.82 -11.32
C ASN D 23 -43.36 28.53 -10.32
N GLY D 24 -42.99 28.20 -9.08
CA GLY D 24 -44.00 27.95 -8.03
C GLY D 24 -44.26 26.47 -7.80
N HIS D 25 -44.88 25.79 -8.77
CA HIS D 25 -45.26 24.36 -8.61
C HIS D 25 -44.44 23.64 -7.53
N GLY D 26 -45.12 23.04 -6.55
CA GLY D 26 -44.41 22.23 -5.54
C GLY D 26 -43.95 20.93 -6.18
N VAL D 27 -42.91 20.30 -5.64
CA VAL D 27 -42.35 19.10 -6.33
C VAL D 27 -41.94 18.05 -5.28
N THR D 28 -42.67 16.93 -5.27
CA THR D 28 -42.26 15.67 -4.60
C THR D 28 -41.31 14.90 -5.53
N VAL D 29 -40.21 14.37 -4.99
CA VAL D 29 -39.21 13.57 -5.76
C VAL D 29 -38.94 12.25 -5.04
N TRP D 30 -38.48 11.26 -5.79
CA TRP D 30 -37.93 9.98 -5.30
C TRP D 30 -36.88 9.50 -6.31
N ASN D 31 -35.80 8.91 -5.83
CA ASN D 31 -34.73 8.37 -6.71
C ASN D 31 -34.16 7.12 -6.06
N ARG D 32 -33.71 6.15 -6.85
CA ARG D 32 -33.08 4.92 -6.32
C ARG D 32 -31.91 5.33 -5.44
N THR D 33 -31.19 6.36 -5.84
CA THR D 33 -30.04 6.87 -5.05
C THR D 33 -30.49 8.16 -4.34
N ALA D 34 -30.96 8.01 -3.09
CA ALA D 34 -31.57 9.09 -2.28
C ALA D 34 -30.62 10.31 -2.18
N SER D 35 -29.30 10.09 -1.97
CA SER D 35 -28.33 11.20 -1.77
C SER D 35 -28.40 12.19 -2.95
N ARG D 36 -28.86 11.73 -4.12
CA ARG D 36 -28.82 12.54 -5.35
C ARG D 36 -29.92 13.61 -5.33
N ALA D 37 -30.86 13.54 -4.39
CA ALA D 37 -31.95 14.55 -4.23
C ALA D 37 -31.48 15.78 -3.43
N ASP D 38 -30.31 15.74 -2.80
CA ASP D 38 -29.85 16.80 -1.85
C ASP D 38 -29.98 18.18 -2.51
N GLY D 39 -29.35 18.38 -3.67
CA GLY D 39 -29.37 19.67 -4.41
C GLY D 39 -30.79 20.19 -4.64
N VAL D 40 -31.74 19.31 -4.96
CA VAL D 40 -33.14 19.74 -5.30
C VAL D 40 -33.94 19.93 -4.01
N VAL D 41 -33.71 19.07 -2.99
CA VAL D 41 -34.35 19.25 -1.66
C VAL D 41 -33.97 20.64 -1.13
N ALA D 42 -32.68 20.99 -1.18
CA ALA D 42 -32.15 22.32 -0.82
C ALA D 42 -32.86 23.44 -1.61
N ALA D 43 -33.26 23.22 -2.87
CA ALA D 43 -33.89 24.27 -3.70
C ALA D 43 -35.40 24.36 -3.42
N GLY D 44 -35.97 23.43 -2.62
CA GLY D 44 -37.39 23.48 -2.20
C GLY D 44 -38.15 22.16 -2.36
N ALA D 45 -37.54 21.10 -2.87
CA ALA D 45 -38.28 19.87 -3.22
C ALA D 45 -38.40 18.98 -1.98
N VAL D 46 -39.44 18.15 -1.95
CA VAL D 46 -39.73 17.19 -0.85
C VAL D 46 -39.26 15.79 -1.26
N ARG D 47 -38.15 15.27 -0.72
CA ARG D 47 -37.79 13.82 -0.84
C ARG D 47 -38.88 13.02 -0.12
N VAL D 48 -39.01 11.74 -0.44
CA VAL D 48 -40.06 10.82 0.07
C VAL D 48 -39.42 9.44 0.12
N ASP D 49 -39.87 8.55 1.00
CA ASP D 49 -39.14 7.27 1.25
C ASP D 49 -39.33 6.34 0.05
N THR D 50 -40.55 6.23 -0.47
CA THR D 50 -41.00 5.09 -1.32
C THR D 50 -41.58 5.61 -2.65
N PRO D 51 -41.44 4.84 -3.75
CA PRO D 51 -42.15 5.15 -5.01
C PRO D 51 -43.64 5.43 -4.79
N ALA D 52 -44.34 4.52 -4.08
CA ALA D 52 -45.77 4.62 -3.75
C ALA D 52 -46.11 6.00 -3.15
N ASP D 53 -45.24 6.53 -2.29
CA ASP D 53 -45.45 7.85 -1.63
C ASP D 53 -45.40 8.94 -2.71
N ALA D 54 -44.42 8.86 -3.63
CA ALA D 54 -44.18 9.86 -4.70
C ALA D 54 -45.36 9.86 -5.70
N VAL D 55 -45.82 8.68 -6.11
CA VAL D 55 -47.01 8.53 -7.00
C VAL D 55 -48.24 9.15 -6.32
N ALA D 56 -48.49 8.79 -5.05
CA ALA D 56 -49.69 9.20 -4.28
C ALA D 56 -49.70 10.73 -4.12
N ALA D 57 -48.53 11.37 -4.04
CA ALA D 57 -48.39 12.81 -3.69
C ALA D 57 -48.96 13.77 -4.76
N SER D 58 -49.24 13.33 -5.99
CA SER D 58 -49.61 14.27 -7.11
C SER D 58 -50.56 13.59 -8.12
N GLU D 59 -51.21 14.41 -8.96
CA GLU D 59 -51.97 13.93 -10.15
C GLU D 59 -50.94 13.61 -11.25
N LEU D 60 -50.05 14.55 -11.57
CA LEU D 60 -49.02 14.48 -12.65
C LEU D 60 -47.71 13.88 -12.13
N VAL D 61 -47.30 12.74 -12.69
CA VAL D 61 -46.04 12.02 -12.35
C VAL D 61 -45.10 11.99 -13.57
N LEU D 62 -44.04 12.79 -13.56
CA LEU D 62 -42.95 12.82 -14.58
C LEU D 62 -41.88 11.75 -14.27
N LEU D 63 -41.52 10.92 -15.25
CA LEU D 63 -40.37 9.95 -15.17
C LEU D 63 -39.23 10.43 -16.06
N SER D 64 -38.04 10.65 -15.49
CA SER D 64 -36.77 10.90 -16.24
C SER D 64 -35.80 9.76 -15.95
N LEU D 65 -35.96 8.62 -16.63
CA LEU D 65 -35.19 7.38 -16.42
C LEU D 65 -34.39 7.00 -17.66
N THR D 66 -33.37 6.15 -17.49
CA THR D 66 -32.44 5.69 -18.55
C THR D 66 -33.20 4.93 -19.63
N ASP D 67 -34.23 4.16 -19.23
CA ASP D 67 -35.03 3.28 -20.11
C ASP D 67 -36.38 2.95 -19.45
N TYR D 68 -37.22 2.17 -20.14
CA TYR D 68 -38.58 1.82 -19.68
C TYR D 68 -38.48 0.67 -18.65
N ALA D 69 -37.52 -0.26 -18.80
CA ALA D 69 -37.23 -1.30 -17.80
C ALA D 69 -37.22 -0.70 -16.38
N ALA D 70 -36.63 0.49 -16.21
CA ALA D 70 -36.55 1.25 -14.94
C ALA D 70 -37.95 1.67 -14.45
N MET D 71 -38.86 2.01 -15.36
CA MET D 71 -40.26 2.34 -14.99
C MET D 71 -40.91 1.13 -14.32
N TYR D 72 -40.76 -0.07 -14.90
CA TYR D 72 -41.35 -1.30 -14.35
C TYR D 72 -40.73 -1.59 -12.97
N ASP D 73 -39.40 -1.45 -12.82
CA ASP D 73 -38.69 -1.65 -11.53
C ASP D 73 -39.31 -0.74 -10.46
N ILE D 74 -39.55 0.53 -10.80
CA ILE D 74 -39.99 1.58 -9.84
C ILE D 74 -41.49 1.45 -9.57
N LEU D 75 -42.34 1.51 -10.60
CA LEU D 75 -43.82 1.49 -10.48
C LEU D 75 -44.31 0.08 -10.10
N GLY D 76 -43.48 -0.96 -10.30
CA GLY D 76 -43.76 -2.33 -9.82
C GLY D 76 -44.03 -2.37 -8.33
N LYS D 77 -43.43 -1.44 -7.58
CA LYS D 77 -43.57 -1.26 -6.11
C LYS D 77 -44.57 -0.12 -5.81
N ALA D 78 -45.61 0.03 -6.64
CA ALA D 78 -46.63 1.12 -6.51
C ALA D 78 -47.88 0.89 -7.38
N GLU D 79 -48.25 -0.35 -7.69
CA GLU D 79 -49.35 -0.66 -8.68
C GLU D 79 -50.71 -0.15 -8.16
N GLU D 80 -51.00 -0.36 -6.87
CA GLU D 80 -52.27 0.04 -6.21
C GLU D 80 -52.43 1.57 -6.28
N ALA D 81 -51.34 2.35 -6.15
CA ALA D 81 -51.38 3.83 -6.01
C ALA D 81 -51.61 4.54 -7.35
N LEU D 82 -51.56 3.81 -8.48
CA LEU D 82 -51.51 4.41 -9.83
C LEU D 82 -52.87 4.99 -10.23
N THR D 83 -53.97 4.40 -9.73
CA THR D 83 -55.36 4.73 -10.16
C THR D 83 -55.58 6.24 -10.12
N GLY D 84 -55.98 6.84 -11.25
CA GLY D 84 -56.35 8.25 -11.35
C GLY D 84 -55.16 9.17 -11.63
N LYS D 85 -53.92 8.67 -11.62
CA LYS D 85 -52.71 9.52 -11.82
C LYS D 85 -52.43 9.62 -13.34
N VAL D 86 -51.63 10.62 -13.73
CA VAL D 86 -51.16 10.84 -15.14
C VAL D 86 -49.63 10.67 -15.20
N ILE D 87 -49.17 9.60 -15.84
CA ILE D 87 -47.73 9.28 -16.06
C ILE D 87 -47.27 9.92 -17.38
N VAL D 88 -46.34 10.87 -17.30
CA VAL D 88 -45.58 11.44 -18.44
C VAL D 88 -44.17 10.83 -18.41
N ASN D 89 -43.89 9.91 -19.33
CA ASN D 89 -42.55 9.24 -19.42
C ASN D 89 -41.67 9.99 -20.43
N LEU D 90 -40.59 10.60 -19.95
CA LEU D 90 -39.64 11.41 -20.77
C LEU D 90 -38.33 10.63 -20.97
N SER D 91 -38.42 9.32 -21.16
CA SER D 91 -37.30 8.36 -21.24
C SER D 91 -37.18 7.78 -22.67
N SER D 92 -35.95 7.51 -23.11
CA SER D 92 -35.63 6.78 -24.36
C SER D 92 -36.05 5.31 -24.20
N ASP D 93 -36.68 4.72 -25.22
CA ASP D 93 -36.82 3.25 -25.43
C ASP D 93 -37.42 3.03 -26.82
N THR D 94 -37.78 1.79 -27.18
CA THR D 94 -38.36 1.53 -28.52
C THR D 94 -39.82 2.01 -28.57
N PRO D 95 -40.34 2.42 -29.74
CA PRO D 95 -41.78 2.66 -29.88
C PRO D 95 -42.65 1.48 -29.43
N GLU D 96 -42.35 0.24 -29.85
CA GLU D 96 -43.11 -0.96 -29.42
C GLU D 96 -43.17 -1.02 -27.88
N LYS D 97 -42.07 -0.79 -27.18
CA LYS D 97 -42.05 -0.92 -25.69
C LYS D 97 -42.79 0.28 -25.10
N THR D 98 -42.83 1.40 -25.80
CA THR D 98 -43.56 2.61 -25.35
C THR D 98 -45.05 2.29 -25.31
N ARG D 99 -45.59 1.64 -26.35
CA ARG D 99 -47.03 1.31 -26.35
C ARG D 99 -47.31 0.22 -25.32
N GLU D 100 -46.44 -0.78 -25.20
CA GLU D 100 -46.64 -1.90 -24.23
C GLU D 100 -46.73 -1.27 -22.82
N ALA D 101 -45.98 -0.20 -22.54
CA ALA D 101 -45.93 0.41 -21.20
C ALA D 101 -47.21 1.22 -20.98
N ALA D 102 -47.69 1.89 -22.02
CA ALA D 102 -48.96 2.64 -21.98
C ALA D 102 -50.10 1.68 -21.57
N GLU D 103 -50.13 0.49 -22.17
CA GLU D 103 -51.18 -0.53 -21.90
C GLU D 103 -51.08 -0.99 -20.43
N TRP D 104 -49.87 -1.24 -19.95
CA TRP D 104 -49.63 -1.71 -18.55
C TRP D 104 -50.07 -0.63 -17.55
N VAL D 105 -49.77 0.63 -17.83
CA VAL D 105 -50.13 1.76 -16.93
C VAL D 105 -51.65 1.97 -16.99
N GLU D 106 -52.28 1.86 -18.17
CA GLU D 106 -53.71 2.18 -18.34
C GLU D 106 -54.53 1.05 -17.70
N ALA D 107 -54.06 -0.19 -17.78
CA ALA D 107 -54.64 -1.36 -17.07
C ALA D 107 -54.61 -1.17 -15.54
N ARG D 108 -53.71 -0.33 -15.00
CA ARG D 108 -53.61 -0.05 -13.54
C ARG D 108 -54.36 1.25 -13.22
N GLY D 109 -55.17 1.75 -14.17
CA GLY D 109 -56.14 2.84 -13.98
C GLY D 109 -55.53 4.23 -14.04
N ALA D 110 -54.34 4.40 -14.65
CA ALA D 110 -53.71 5.73 -14.85
C ALA D 110 -53.73 6.09 -16.33
N LYS D 111 -53.44 7.35 -16.65
CA LYS D 111 -53.23 7.83 -18.04
C LYS D 111 -51.74 7.79 -18.34
N PHE D 112 -51.38 7.58 -19.61
CA PHE D 112 -49.97 7.52 -20.07
C PHE D 112 -49.74 8.45 -21.25
N ILE D 113 -48.79 9.35 -21.09
CA ILE D 113 -48.27 10.25 -22.14
C ILE D 113 -46.77 9.97 -22.32
N ALA D 114 -46.31 9.90 -23.57
CA ALA D 114 -44.89 9.75 -23.91
C ALA D 114 -44.32 11.12 -24.30
N GLY D 115 -43.12 11.42 -23.82
CA GLY D 115 -42.36 12.62 -24.19
C GLY D 115 -40.94 12.29 -24.58
N GLY D 116 -40.34 13.16 -25.37
CA GLY D 116 -38.93 13.12 -25.76
C GLY D 116 -38.38 14.52 -25.70
N VAL D 117 -37.46 14.75 -24.77
CA VAL D 117 -36.91 16.11 -24.52
C VAL D 117 -35.79 16.29 -25.51
N MET D 118 -35.75 17.41 -26.20
CA MET D 118 -34.88 17.58 -27.39
C MET D 118 -33.77 18.57 -27.12
N VAL D 119 -33.42 18.77 -25.87
CA VAL D 119 -32.23 19.60 -25.49
C VAL D 119 -31.60 18.93 -24.29
N PRO D 120 -30.33 19.26 -24.00
CA PRO D 120 -29.69 18.77 -22.79
C PRO D 120 -30.14 19.60 -21.57
N ALA D 121 -29.83 19.10 -20.37
CA ALA D 121 -30.25 19.63 -19.06
C ALA D 121 -30.03 21.16 -18.95
N ALA D 122 -28.88 21.64 -19.40
CA ALA D 122 -28.49 23.08 -19.33
C ALA D 122 -29.52 23.98 -20.06
N LEU D 123 -30.29 23.45 -21.00
CA LEU D 123 -31.22 24.28 -21.83
C LEU D 123 -32.66 23.95 -21.44
N VAL D 124 -32.90 23.02 -20.51
CA VAL D 124 -34.29 22.78 -20.03
C VAL D 124 -34.87 24.11 -19.52
N GLY D 125 -36.10 24.44 -19.92
CA GLY D 125 -36.80 25.66 -19.47
C GLY D 125 -36.36 26.93 -20.20
N LYS D 126 -35.30 26.90 -21.00
CA LYS D 126 -34.91 28.07 -21.85
C LYS D 126 -35.71 28.05 -23.17
N ASP D 127 -35.40 29.01 -24.05
CA ASP D 127 -36.17 29.33 -25.29
C ASP D 127 -35.98 28.22 -26.33
N GLU D 128 -34.75 27.70 -26.46
CA GLU D 128 -34.38 26.64 -27.42
C GLU D 128 -35.16 25.35 -27.12
N ALA D 129 -35.62 25.14 -25.89
CA ALA D 129 -36.13 23.83 -25.44
C ALA D 129 -37.44 23.51 -26.14
N TYR D 130 -37.58 22.26 -26.57
CA TYR D 130 -38.86 21.71 -27.07
C TYR D 130 -38.91 20.23 -26.68
N VAL D 131 -40.12 19.68 -26.61
CA VAL D 131 -40.38 18.28 -26.19
C VAL D 131 -41.48 17.67 -27.06
N PHE D 132 -41.23 16.51 -27.68
CA PHE D 132 -42.27 15.74 -28.38
C PHE D 132 -43.20 15.18 -27.30
N TYR D 133 -44.51 15.28 -27.49
CA TYR D 133 -45.50 14.54 -26.66
C TYR D 133 -46.48 13.81 -27.57
N SER D 134 -46.98 12.68 -27.08
CA SER D 134 -48.00 11.85 -27.77
C SER D 134 -48.77 11.02 -26.74
N GLY D 135 -50.04 10.72 -27.05
CA GLY D 135 -50.98 10.04 -26.14
C GLY D 135 -52.33 10.76 -26.14
N PRO D 136 -53.23 10.46 -25.17
CA PRO D 136 -54.55 11.10 -25.12
C PRO D 136 -54.49 12.64 -25.02
N ALA D 137 -55.10 13.34 -25.99
CA ALA D 137 -55.02 14.82 -26.14
C ALA D 137 -55.75 15.54 -24.99
N ASP D 138 -56.90 15.02 -24.53
CA ASP D 138 -57.70 15.65 -23.44
C ASP D 138 -56.82 15.72 -22.18
N VAL D 139 -56.21 14.59 -21.80
CA VAL D 139 -55.29 14.49 -20.64
C VAL D 139 -54.11 15.45 -20.83
N PHE D 140 -53.46 15.39 -21.99
CA PHE D 140 -52.33 16.29 -22.35
C PHE D 140 -52.75 17.75 -22.11
N GLU D 141 -53.93 18.14 -22.59
CA GLU D 141 -54.40 19.56 -22.55
C GLU D 141 -54.60 19.96 -21.09
N LYS D 142 -55.06 19.04 -20.23
CA LYS D 142 -55.24 19.28 -18.76
C LYS D 142 -53.90 19.70 -18.14
N HIS D 143 -52.74 19.24 -18.65
CA HIS D 143 -51.42 19.47 -17.99
C HIS D 143 -50.47 20.27 -18.88
N ARG D 144 -50.93 20.75 -20.04
CA ARG D 144 -50.08 21.46 -21.01
C ARG D 144 -49.33 22.60 -20.32
N GLU D 145 -50.01 23.40 -19.49
CA GLU D 145 -49.45 24.69 -18.99
C GLU D 145 -48.18 24.39 -18.16
N ALA D 146 -48.23 23.34 -17.34
CA ALA D 146 -47.12 22.90 -16.46
C ALA D 146 -45.98 22.33 -17.32
N LEU D 147 -46.30 21.43 -18.24
CA LEU D 147 -45.30 20.77 -19.12
C LEU D 147 -44.52 21.81 -19.91
N ALA D 148 -45.17 22.91 -20.32
CA ALA D 148 -44.60 23.94 -21.21
C ALA D 148 -43.46 24.70 -20.53
N LEU D 149 -43.35 24.61 -19.20
CA LEU D 149 -42.28 25.29 -18.43
C LEU D 149 -40.93 24.62 -18.75
N ILE D 150 -40.97 23.32 -19.09
CA ILE D 150 -39.78 22.49 -19.42
C ILE D 150 -39.28 22.78 -20.85
N GLY D 151 -40.19 23.02 -21.79
CA GLY D 151 -39.88 23.51 -23.15
C GLY D 151 -41.13 23.47 -24.04
N ARG D 152 -41.08 24.09 -25.22
CA ARG D 152 -42.28 24.20 -26.09
C ARG D 152 -42.83 22.79 -26.32
N PRO D 153 -44.08 22.45 -25.92
CA PRO D 153 -44.65 21.14 -26.21
C PRO D 153 -45.12 21.02 -27.68
N ASP D 154 -44.66 19.98 -28.37
CA ASP D 154 -45.12 19.62 -29.72
C ASP D 154 -45.95 18.36 -29.61
N PHE D 155 -47.26 18.53 -29.54
CA PHE D 155 -48.20 17.39 -29.53
C PHE D 155 -48.18 16.80 -30.95
N LEU D 156 -47.85 15.51 -31.06
CA LEU D 156 -47.67 14.87 -32.37
C LEU D 156 -48.93 14.12 -32.78
N GLY D 157 -49.75 13.68 -31.82
CA GLY D 157 -50.89 12.79 -32.11
C GLY D 157 -51.21 11.85 -30.96
N GLU D 158 -52.31 11.12 -31.10
CA GLU D 158 -52.91 10.29 -30.02
C GLU D 158 -52.20 8.95 -29.97
N ASP D 159 -51.56 8.51 -31.05
CA ASP D 159 -50.72 7.27 -31.04
C ASP D 159 -49.53 7.52 -30.11
N VAL D 160 -49.54 6.87 -28.96
CA VAL D 160 -48.58 7.16 -27.87
C VAL D 160 -47.14 6.92 -28.37
N ARG D 161 -46.96 6.10 -29.40
CA ARG D 161 -45.62 5.82 -29.99
C ARG D 161 -44.98 7.03 -30.67
N LEU D 162 -45.73 8.06 -31.05
CA LEU D 162 -45.19 9.08 -31.99
C LEU D 162 -44.02 9.83 -31.36
N ALA D 163 -44.12 10.23 -30.10
CA ALA D 163 -43.05 11.04 -29.47
C ALA D 163 -41.76 10.19 -29.45
N GLN D 164 -41.87 8.89 -29.17
CA GLN D 164 -40.70 7.98 -29.05
C GLN D 164 -40.09 7.82 -30.45
N LEU D 165 -40.93 7.67 -31.46
CA LEU D 165 -40.47 7.54 -32.85
C LEU D 165 -39.63 8.76 -33.23
N PHE D 166 -40.17 9.95 -32.98
CA PHE D 166 -39.50 11.23 -33.34
C PHE D 166 -38.22 11.34 -32.49
N TYR D 167 -38.27 10.91 -31.24
CA TYR D 167 -37.10 10.98 -30.33
C TYR D 167 -35.99 10.12 -30.94
N GLN D 168 -36.31 8.86 -31.26
CA GLN D 168 -35.35 7.89 -31.80
C GLN D 168 -34.80 8.39 -33.15
N ALA D 169 -35.63 9.05 -33.94
CA ALA D 169 -35.22 9.50 -35.28
C ALA D 169 -34.23 10.63 -35.12
N GLN D 170 -34.47 11.53 -34.17
CA GLN D 170 -33.55 12.68 -33.89
C GLN D 170 -32.23 12.14 -33.29
N LEU D 171 -32.35 11.11 -32.49
CA LEU D 171 -31.22 10.42 -31.84
C LEU D 171 -30.33 9.76 -32.87
N ASP D 172 -30.97 9.16 -33.88
CA ASP D 172 -30.31 8.48 -35.00
C ASP D 172 -29.36 9.51 -35.61
N ILE D 173 -29.85 10.69 -35.95
CA ILE D 173 -29.01 11.75 -36.58
C ILE D 173 -27.95 12.19 -35.57
N PHE D 174 -28.36 12.37 -34.32
CA PHE D 174 -27.52 12.98 -33.26
C PHE D 174 -26.33 12.09 -32.95
N LEU D 175 -26.57 10.81 -32.60
CA LEU D 175 -25.46 9.90 -32.20
C LEU D 175 -24.53 9.67 -33.39
N ASN D 176 -25.09 9.59 -34.60
CA ASN D 176 -24.28 9.43 -35.83
C ASN D 176 -23.31 10.59 -35.98
N SER D 177 -23.87 11.79 -35.83
CA SER D 177 -23.09 13.03 -36.02
C SER D 177 -21.92 13.01 -35.01
N LEU D 178 -22.17 12.68 -33.73
CA LEU D 178 -21.11 12.61 -32.70
C LEU D 178 -20.04 11.61 -33.16
N SER D 179 -20.48 10.39 -33.47
CA SER D 179 -19.53 9.31 -33.78
C SER D 179 -18.75 9.71 -35.04
N ALA D 180 -19.38 10.41 -35.97
CA ALA D 180 -18.73 10.74 -37.24
C ALA D 180 -17.70 11.85 -36.99
N PHE D 181 -18.10 12.84 -36.19
CA PHE D 181 -17.20 13.93 -35.76
C PHE D 181 -15.95 13.31 -35.11
N MET D 182 -16.14 12.39 -34.15
CA MET D 182 -15.02 11.78 -33.41
C MET D 182 -14.20 10.92 -34.38
N HIS D 183 -14.84 10.25 -35.34
CA HIS D 183 -14.13 9.39 -36.33
C HIS D 183 -13.24 10.25 -37.22
N ALA D 184 -13.78 11.35 -37.72
CA ALA D 184 -13.05 12.29 -38.60
C ALA D 184 -11.90 12.86 -37.78
N SER D 185 -12.19 13.31 -36.57
CA SER D 185 -11.17 13.83 -35.60
C SER D 185 -10.05 12.80 -35.46
N ALA D 186 -10.42 11.53 -35.25
CA ALA D 186 -9.46 10.43 -35.04
C ALA D 186 -8.57 10.28 -36.27
N LEU D 187 -9.12 10.48 -37.47
CA LEU D 187 -8.34 10.28 -38.72
C LEU D 187 -7.26 11.36 -38.79
N VAL D 188 -7.68 12.56 -38.49
CA VAL D 188 -6.84 13.78 -38.45
C VAL D 188 -5.78 13.58 -37.35
N ARG D 189 -6.18 13.24 -36.11
CA ARG D 189 -5.20 13.15 -34.98
CA ARG D 189 -5.20 13.15 -34.99
C ARG D 189 -4.23 12.01 -35.32
N SER D 190 -4.69 10.97 -36.00
CA SER D 190 -3.79 9.85 -36.38
C SER D 190 -2.63 10.36 -37.23
N ALA D 191 -2.80 11.41 -38.03
CA ALA D 191 -1.76 11.91 -38.95
C ALA D 191 -0.89 12.97 -38.25
N GLY D 192 -1.14 13.28 -36.98
CA GLY D 192 -0.33 14.26 -36.23
C GLY D 192 -0.87 15.67 -36.36
N VAL D 193 -2.02 15.84 -36.99
CA VAL D 193 -2.60 17.20 -37.17
C VAL D 193 -3.45 17.50 -35.95
N PRO D 194 -3.25 18.66 -35.30
CA PRO D 194 -4.11 19.03 -34.19
C PRO D 194 -5.54 19.31 -34.65
N LEU D 195 -6.48 18.94 -33.79
CA LEU D 195 -7.92 19.04 -34.10
C LEU D 195 -8.31 20.51 -34.31
N GLU D 196 -7.64 21.47 -33.68
CA GLU D 196 -8.00 22.90 -33.82
C GLU D 196 -7.85 23.31 -35.29
N LYS D 197 -6.93 22.71 -36.07
CA LYS D 197 -6.72 23.03 -37.52
C LYS D 197 -7.93 22.54 -38.35
N PHE D 198 -8.57 21.42 -37.97
CA PHE D 198 -9.69 20.77 -38.72
C PHE D 198 -11.06 21.31 -38.28
N TRP D 199 -11.22 21.74 -37.03
CA TRP D 199 -12.53 22.09 -36.44
C TRP D 199 -13.31 23.10 -37.29
N PRO D 200 -12.69 24.20 -37.76
CA PRO D 200 -13.44 25.19 -38.54
C PRO D 200 -14.11 24.54 -39.78
N TYR D 201 -13.43 23.59 -40.42
CA TYR D 201 -13.98 22.82 -41.57
C TYR D 201 -15.16 21.93 -41.11
N ALA D 202 -14.98 21.18 -40.03
CA ALA D 202 -16.04 20.30 -39.51
C ALA D 202 -17.26 21.14 -39.17
N LYS D 203 -17.05 22.27 -38.51
CA LYS D 203 -18.14 23.19 -38.08
C LYS D 203 -18.96 23.58 -39.33
N ASP D 204 -18.25 24.04 -40.37
CA ASP D 204 -18.86 24.58 -41.62
C ASP D 204 -19.69 23.48 -42.30
N ASN D 205 -19.12 22.28 -42.33
CA ASN D 205 -19.70 21.02 -42.88
C ASN D 205 -21.07 20.78 -42.23
N PHE D 206 -21.12 20.71 -40.90
CA PHE D 206 -22.40 20.50 -40.18
C PHE D 206 -23.36 21.67 -40.42
N GLU D 207 -22.84 22.90 -40.48
CA GLU D 207 -23.71 24.10 -40.58
C GLU D 207 -24.38 24.12 -41.97
N SER D 208 -23.69 23.59 -42.98
CA SER D 208 -24.12 23.56 -44.40
C SER D 208 -25.10 22.39 -44.68
N MET D 209 -25.27 21.43 -43.76
CA MET D 209 -25.98 20.15 -44.03
C MET D 209 -27.42 20.40 -44.45
N GLY D 210 -28.16 21.23 -43.71
CA GLY D 210 -29.56 21.59 -43.99
C GLY D 210 -29.77 21.98 -45.46
N PHE D 211 -28.80 22.69 -46.04
CA PHE D 211 -28.83 23.14 -47.46
C PHE D 211 -28.76 21.89 -48.37
N TYR D 212 -27.81 20.96 -48.19
CA TYR D 212 -27.63 19.78 -49.10
C TYR D 212 -28.78 18.80 -48.92
N LEU D 213 -29.50 18.82 -47.80
CA LEU D 213 -30.50 17.79 -47.48
C LEU D 213 -31.89 18.23 -47.94
N GLU D 214 -32.20 19.54 -48.02
CA GLU D 214 -33.58 20.03 -48.30
C GLU D 214 -34.10 19.39 -49.60
N PRO D 215 -33.36 19.47 -50.74
CA PRO D 215 -33.83 18.87 -52.00
C PRO D 215 -34.07 17.35 -51.93
N ALA D 216 -33.30 16.64 -51.09
CA ALA D 216 -33.34 15.17 -50.96
C ALA D 216 -34.68 14.72 -50.40
N VAL D 217 -35.39 15.59 -49.69
CA VAL D 217 -36.69 15.19 -49.06
C VAL D 217 -37.67 14.75 -50.16
N GLU D 218 -37.79 15.58 -51.20
CA GLU D 218 -38.70 15.32 -52.34
C GLU D 218 -38.27 14.00 -53.00
N GLN D 219 -36.98 13.86 -53.30
CA GLN D 219 -36.41 12.64 -53.91
C GLN D 219 -36.82 11.41 -53.10
N ILE D 220 -36.73 11.48 -51.78
CA ILE D 220 -37.03 10.30 -50.91
C ILE D 220 -38.55 10.08 -50.92
N GLU D 221 -39.35 11.16 -50.82
CA GLU D 221 -40.84 11.08 -50.82
C GLU D 221 -41.28 10.31 -52.07
N LYS D 222 -40.67 10.59 -53.22
CA LYS D 222 -41.14 10.15 -54.56
C LYS D 222 -40.35 8.97 -55.15
N GLY D 223 -39.24 8.52 -54.56
CA GLY D 223 -38.42 7.45 -55.18
C GLY D 223 -37.72 7.91 -56.46
N ASP D 224 -37.34 9.19 -56.49
CA ASP D 224 -36.83 9.93 -57.67
C ASP D 224 -35.37 10.30 -57.42
N HIS D 225 -34.43 9.55 -57.98
CA HIS D 225 -33.01 9.55 -57.52
C HIS D 225 -32.06 9.88 -58.65
N PRO D 226 -32.19 11.06 -59.28
CA PRO D 226 -31.34 11.41 -60.43
C PRO D 226 -29.86 11.57 -60.08
N GLY D 227 -28.95 10.90 -60.79
CA GLY D 227 -27.51 10.87 -60.47
C GLY D 227 -26.65 11.88 -61.22
N ASP D 228 -27.21 12.78 -62.01
CA ASP D 228 -26.37 13.52 -62.99
C ASP D 228 -25.35 14.40 -62.23
N GLU D 229 -25.71 14.97 -61.08
CA GLU D 229 -24.87 15.89 -60.27
C GLU D 229 -23.84 15.08 -59.44
N ALA D 230 -24.19 13.86 -59.00
CA ALA D 230 -23.39 13.03 -58.07
C ALA D 230 -24.00 11.64 -57.95
N ASP D 231 -23.26 10.61 -58.35
CA ASP D 231 -23.80 9.21 -58.41
C ASP D 231 -23.23 8.35 -57.29
N VAL D 232 -23.92 7.24 -57.05
CA VAL D 232 -23.57 6.18 -56.09
C VAL D 232 -22.23 5.56 -56.45
N ILE D 233 -21.89 5.44 -57.73
CA ILE D 233 -20.59 4.82 -58.12
C ILE D 233 -19.45 5.71 -57.58
N MET D 234 -19.58 7.02 -57.73
CA MET D 234 -18.52 7.99 -57.32
C MET D 234 -18.47 8.06 -55.79
N MET D 235 -19.64 8.16 -55.16
CA MET D 235 -19.73 8.34 -53.70
C MET D 235 -19.39 7.01 -53.00
N GLY D 236 -19.78 5.88 -53.57
CA GLY D 236 -19.41 4.57 -53.04
C GLY D 236 -17.91 4.36 -53.06
N ALA D 237 -17.24 4.86 -54.10
CA ALA D 237 -15.76 4.71 -54.26
C ALA D 237 -15.11 5.48 -53.10
N SER D 238 -15.56 6.71 -52.89
CA SER D 238 -15.07 7.60 -51.83
C SER D 238 -15.33 6.95 -50.46
N ALA D 239 -16.48 6.32 -50.24
CA ALA D 239 -16.76 5.59 -48.98
C ALA D 239 -15.69 4.50 -48.77
N GLY D 240 -15.21 3.88 -49.84
CA GLY D 240 -14.21 2.81 -49.74
C GLY D 240 -12.84 3.38 -49.51
N HIS D 241 -12.58 4.57 -50.08
CA HIS D 241 -11.39 5.39 -49.75
C HIS D 241 -11.36 5.62 -48.24
N LEU D 242 -12.49 6.04 -47.66
CA LEU D 242 -12.57 6.33 -46.22
C LEU D 242 -12.24 5.05 -45.46
N VAL D 243 -12.79 3.93 -45.90
CA VAL D 243 -12.57 2.64 -45.18
C VAL D 243 -11.07 2.34 -45.23
N GLN D 244 -10.43 2.40 -46.41
CA GLN D 244 -8.99 2.06 -46.57
C GLN D 244 -8.17 3.06 -45.72
N ALA D 245 -8.48 4.35 -45.77
CA ALA D 245 -7.74 5.39 -45.05
C ALA D 245 -7.80 5.09 -43.53
N SER D 246 -8.96 4.61 -43.07
CA SER D 246 -9.21 4.25 -41.66
C SER D 246 -8.33 3.06 -41.27
N ARG D 247 -8.27 2.01 -42.09
CA ARG D 247 -7.38 0.85 -41.86
C ARG D 247 -5.93 1.35 -41.79
N ASP D 248 -5.49 2.08 -42.80
CA ASP D 248 -4.13 2.72 -42.88
C ASP D 248 -3.80 3.42 -41.56
N ALA D 249 -4.75 4.18 -41.01
CA ALA D 249 -4.53 5.08 -39.86
C ALA D 249 -4.69 4.31 -38.53
N GLY D 250 -5.10 3.04 -38.57
CA GLY D 250 -5.42 2.23 -37.36
C GLY D 250 -6.58 2.77 -36.53
N ILE D 251 -7.56 3.46 -37.12
CA ILE D 251 -8.77 3.90 -36.37
C ILE D 251 -9.93 2.91 -36.57
N ASP D 252 -11.05 3.13 -35.88
CA ASP D 252 -12.29 2.33 -36.02
C ASP D 252 -12.63 2.17 -37.51
N VAL D 253 -13.06 0.97 -37.88
CA VAL D 253 -13.58 0.67 -39.25
C VAL D 253 -15.10 0.36 -39.21
N ALA D 254 -15.71 0.14 -38.05
CA ALA D 254 -17.14 -0.25 -38.00
C ALA D 254 -18.00 0.82 -38.69
N LEU D 255 -17.83 2.09 -38.31
CA LEU D 255 -18.70 3.18 -38.81
C LEU D 255 -18.50 3.31 -40.33
N PRO D 256 -17.28 3.49 -40.85
CA PRO D 256 -17.14 3.66 -42.27
C PRO D 256 -17.54 2.39 -43.05
N GLU D 257 -17.36 1.20 -42.50
CA GLU D 257 -17.84 -0.05 -43.16
C GLU D 257 -19.38 -0.05 -43.24
N ALA D 258 -20.07 0.44 -42.23
CA ALA D 258 -21.54 0.49 -42.22
C ALA D 258 -22.00 1.41 -43.35
N VAL D 259 -21.38 2.57 -43.47
CA VAL D 259 -21.73 3.55 -44.54
C VAL D 259 -21.41 2.95 -45.92
N LYS D 260 -20.24 2.34 -46.08
CA LYS D 260 -19.84 1.71 -47.36
C LYS D 260 -20.89 0.64 -47.71
N SER D 261 -21.45 -0.06 -46.71
CA SER D 261 -22.39 -1.18 -46.97
C SER D 261 -23.69 -0.62 -47.59
N HIS D 262 -24.06 0.62 -47.26
CA HIS D 262 -25.17 1.31 -47.93
C HIS D 262 -24.85 1.42 -49.43
N TYR D 263 -23.67 1.95 -49.79
CA TYR D 263 -23.30 2.16 -51.21
C TYR D 263 -23.19 0.82 -51.92
N ASP D 264 -22.70 -0.23 -51.25
CA ASP D 264 -22.48 -1.55 -51.88
C ASP D 264 -23.83 -2.18 -52.20
N ARG D 265 -24.74 -2.21 -51.22
N ARG D 265 -24.74 -2.20 -51.23
CA ARG D 265 -26.10 -2.74 -51.40
CA ARG D 265 -26.10 -2.74 -51.41
C ARG D 265 -26.79 -1.93 -52.52
C ARG D 265 -26.79 -1.93 -52.52
N ALA D 266 -26.61 -0.62 -52.58
CA ALA D 266 -27.25 0.21 -53.63
C ALA D 266 -26.72 -0.20 -55.01
N ILE D 267 -25.40 -0.38 -55.13
CA ILE D 267 -24.78 -0.76 -56.42
C ILE D 267 -25.34 -2.13 -56.84
N ALA D 268 -25.44 -3.07 -55.89
CA ALA D 268 -25.96 -4.42 -56.15
C ALA D 268 -27.43 -4.36 -56.64
N ALA D 269 -28.22 -3.37 -56.20
CA ALA D 269 -29.62 -3.17 -56.62
C ALA D 269 -29.71 -2.38 -57.94
N GLY D 270 -28.56 -2.04 -58.52
CA GLY D 270 -28.48 -1.37 -59.83
C GLY D 270 -28.50 0.15 -59.75
N HIS D 271 -28.23 0.75 -58.59
CA HIS D 271 -28.43 2.22 -58.40
C HIS D 271 -27.11 2.97 -58.57
N GLY D 272 -26.10 2.34 -59.17
CA GLY D 272 -24.80 2.96 -59.45
C GLY D 272 -24.91 4.37 -60.00
N ARG D 273 -25.85 4.60 -60.90
CA ARG D 273 -25.93 5.85 -61.69
C ARG D 273 -27.00 6.76 -61.07
N SER D 274 -27.65 6.33 -59.98
CA SER D 274 -28.63 7.14 -59.21
C SER D 274 -27.90 8.06 -58.20
N SER D 275 -28.62 9.09 -57.75
CA SER D 275 -28.28 9.94 -56.58
C SER D 275 -28.07 9.08 -55.33
N TRP D 276 -27.35 9.65 -54.36
CA TRP D 276 -27.15 9.04 -53.03
C TRP D 276 -28.50 8.80 -52.36
N THR D 277 -29.55 9.54 -52.72
CA THR D 277 -30.90 9.33 -52.12
C THR D 277 -31.38 7.90 -52.38
N SER D 278 -30.92 7.23 -53.44
CA SER D 278 -31.29 5.84 -53.77
C SER D 278 -30.90 4.89 -52.62
N LEU D 279 -29.93 5.27 -51.78
CA LEU D 279 -29.58 4.43 -50.62
C LEU D 279 -30.82 4.20 -49.77
N PHE D 280 -31.71 5.19 -49.71
CA PHE D 280 -33.03 5.05 -49.04
C PHE D 280 -33.72 3.75 -49.48
N GLU D 281 -33.59 3.36 -50.75
CA GLU D 281 -34.34 2.19 -51.32
C GLU D 281 -33.84 0.90 -50.69
N ILE D 282 -32.58 0.84 -50.27
CA ILE D 282 -31.88 -0.31 -49.60
C ILE D 282 -32.07 -0.23 -48.08
N ILE D 283 -32.19 0.97 -47.54
CA ILE D 283 -32.28 1.18 -46.08
C ILE D 283 -33.72 0.93 -45.60
N LYS D 284 -34.72 1.36 -46.38
CA LYS D 284 -36.18 1.37 -46.01
C LYS D 284 -36.64 -0.05 -45.73
N ALA D 285 -37.72 -0.24 -44.98
CA ALA D 285 -38.38 -1.57 -44.88
C ALA D 285 -38.92 -2.00 -46.25
N ASP D 286 -38.94 -3.31 -46.52
CA ASP D 286 -39.79 -3.93 -47.58
C ASP D 286 -41.25 -3.46 -47.41
N ARG D 287 -41.90 -2.93 -48.47
CA ARG D 287 -43.40 -2.85 -48.56
C ARG D 287 -44.00 -4.25 -48.26
N LYS D 288 -43.24 -5.36 -48.48
CA LYS D 288 -43.42 -6.75 -47.95
C LYS D 288 -43.23 -6.78 -46.43
PA NAP E . -9.54 19.62 -8.56
O1A NAP E . -10.16 18.55 -9.44
O2A NAP E . -8.06 19.61 -8.32
O5B NAP E . -9.90 21.10 -9.09
C5B NAP E . -9.84 22.18 -8.14
C4B NAP E . -9.82 23.52 -8.87
O4B NAP E . -8.54 23.70 -9.54
C3B NAP E . -10.89 23.73 -9.95
O3B NAP E . -11.64 24.89 -9.63
C2B NAP E . -10.08 23.94 -11.23
O2B NAP E . -10.61 24.94 -12.06
C1B NAP E . -8.82 24.51 -10.65
N9A NAP E . -7.65 24.55 -11.51
C8A NAP E . -6.75 23.55 -11.72
N7A NAP E . -5.70 23.95 -12.41
C5A NAP E . -5.91 25.31 -12.59
C6A NAP E . -5.18 26.30 -13.24
N6A NAP E . -3.98 26.11 -13.76
N1A NAP E . -5.67 27.57 -13.27
C2A NAP E . -6.86 27.77 -12.70
N3A NAP E . -7.65 26.92 -12.07
C4A NAP E . -7.11 25.69 -12.05
O3 NAP E . -10.40 19.73 -7.22
PN NAP E . -10.62 18.93 -5.85
O1N NAP E . -10.90 17.48 -6.10
O2N NAP E . -11.62 19.76 -5.09
O5D NAP E . -9.15 19.08 -5.26
C5D NAP E . -8.69 20.35 -4.77
C4D NAP E . -7.48 20.13 -3.90
O4D NAP E . -7.90 19.38 -2.74
C3D NAP E . -6.32 19.35 -4.53
O3D NAP E . -5.08 19.98 -4.28
C2D NAP E . -6.44 17.98 -3.86
O2D NAP E . -5.25 17.21 -3.73
C1D NAP E . -7.00 18.34 -2.49
N1N NAP E . -7.80 17.25 -1.87
C2N NAP E . -8.78 16.57 -2.61
C3N NAP E . -9.71 15.76 -1.96
C7N NAP E . -10.92 15.14 -2.64
O7N NAP E . -11.54 14.28 -2.04
N7N NAP E . -11.34 15.63 -3.80
C4N NAP E . -9.55 15.55 -0.58
C5N NAP E . -8.41 15.97 0.04
C6N NAP E . -7.59 16.90 -0.58
P2B NAP E . -11.67 24.35 -13.11
O1X NAP E . -12.98 24.13 -12.40
O2X NAP E . -11.65 25.51 -14.12
O3X NAP E . -11.19 23.08 -13.73
S SO4 F . 16.07 23.75 5.53
O1 SO4 F . 17.36 23.13 5.57
O2 SO4 F . 16.22 25.15 5.19
O3 SO4 F . 15.42 23.59 6.83
O4 SO4 F . 15.31 23.13 4.51
S SO4 G . -17.17 29.42 -18.59
O1 SO4 G . -16.41 28.61 -19.51
O2 SO4 G . -16.26 30.03 -17.65
O3 SO4 G . -17.86 30.47 -19.31
O4 SO4 G . -18.14 28.59 -17.89
S SO4 H . 7.22 -6.23 13.80
O1 SO4 H . 7.94 -5.11 13.24
O2 SO4 H . 7.99 -7.43 13.55
O3 SO4 H . 5.93 -6.33 13.18
O4 SO4 H . 7.05 -6.03 15.21
PA NAP I . 11.25 -19.41 6.58
O1A NAP I . 10.45 -19.36 5.33
O2A NAP I . 12.34 -18.41 6.79
O5B NAP I . 11.83 -20.89 6.75
C5B NAP I . 10.90 -21.98 6.69
C4B NAP I . 11.66 -23.27 6.56
O4B NAP I . 12.06 -23.47 5.19
C3B NAP I . 12.94 -23.40 7.40
O3B NAP I . 12.80 -24.47 8.33
C2B NAP I . 14.03 -23.67 6.38
O2B NAP I . 14.90 -24.68 6.89
C1B NAP I . 13.23 -24.24 5.21
N9A NAP I . 13.88 -24.13 3.91
C8A NAP I . 13.99 -23.02 3.13
N7A NAP I . 14.61 -23.23 2.00
C5A NAP I . 14.93 -24.57 2.03
C6A NAP I . 15.62 -25.40 1.12
N6A NAP I . 16.09 -24.98 -0.04
N1A NAP I . 15.76 -26.70 1.46
C2A NAP I . 15.28 -27.11 2.64
N3A NAP I . 14.63 -26.42 3.58
C4A NAP I . 14.49 -25.14 3.20
O3 NAP I . 10.23 -19.33 7.81
PN NAP I . 8.67 -19.02 7.94
O1N NAP I . 8.49 -17.57 8.20
O2N NAP I . 8.10 -20.00 8.90
O5D NAP I . 8.15 -19.36 6.46
C5D NAP I . 7.20 -20.44 6.29
C4D NAP I . 6.16 -20.06 5.27
O4D NAP I . 5.04 -19.46 5.96
C3D NAP I . 6.59 -19.06 4.19
O3D NAP I . 6.27 -19.51 2.89
C2D NAP I . 5.82 -17.78 4.55
O2D NAP I . 5.50 -17.02 3.41
C1D NAP I . 4.59 -18.31 5.27
N1N NAP I . 4.07 -17.34 6.28
C2N NAP I . 4.94 -16.58 7.02
C3N NAP I . 4.42 -15.78 8.05
C7N NAP I . 5.32 -15.30 9.16
O7N NAP I . 4.91 -14.44 9.94
N7N NAP I . 6.53 -15.84 9.26
C4N NAP I . 3.08 -15.46 8.01
C5N NAP I . 2.22 -16.28 7.33
C6N NAP I . 2.74 -17.22 6.47
P2B NAP I . 16.27 -24.05 7.43
O1X NAP I . 16.19 -24.08 8.93
O2X NAP I . 17.35 -24.97 6.90
O3X NAP I . 16.41 -22.64 6.89
S SO4 J . -6.75 -22.27 -16.59
O1 SO4 J . -5.45 -22.70 -17.08
O2 SO4 J . -6.60 -21.27 -15.57
O3 SO4 J . -7.48 -23.40 -16.07
O4 SO4 J . -7.51 -21.69 -17.66
S SO4 K . 22.44 -28.96 11.92
O1 SO4 K . 23.06 -28.15 10.89
O2 SO4 K . 23.36 -29.96 12.37
O3 SO4 K . 22.07 -28.11 13.05
O4 SO4 K . 21.27 -29.60 11.38
PA NAP L . 23.71 -10.58 25.36
O1A NAP L . 23.03 -10.60 24.03
O2A NAP L . 24.84 -9.64 25.57
O5B NAP L . 22.63 -10.37 26.52
C5B NAP L . 22.78 -11.19 27.68
C4B NAP L . 21.69 -10.89 28.67
O4B NAP L . 21.84 -9.54 29.17
C3B NAP L . 20.25 -10.99 28.16
O3B NAP L . 19.50 -11.90 28.94
C2B NAP L . 19.71 -9.57 28.27
O2B NAP L . 18.35 -9.60 28.66
C1B NAP L . 20.57 -9.02 29.40
N9A NAP L . 20.65 -7.57 29.44
C8A NAP L . 21.36 -6.76 28.60
N7A NAP L . 21.26 -5.49 28.89
C5A NAP L . 20.43 -5.46 30.00
C6A NAP L . 19.94 -4.40 30.79
N6A NAP L . 20.23 -3.12 30.57
N1A NAP L . 19.14 -4.71 31.83
C2A NAP L . 18.85 -6.00 32.05
N3A NAP L . 19.26 -7.08 31.38
C4A NAP L . 20.05 -6.74 30.35
O3 NAP L . 24.19 -12.07 25.70
PN NAP L . 25.38 -13.01 25.20
O1N NAP L . 25.58 -12.79 23.73
O2N NAP L . 25.13 -14.39 25.68
O5D NAP L . 26.60 -12.38 26.00
C5D NAP L . 26.53 -12.32 27.44
C4D NAP L . 27.87 -11.87 27.99
O4D NAP L . 28.84 -12.91 27.75
C3D NAP L . 28.44 -10.59 27.39
O3D NAP L . 28.97 -9.76 28.41
C2D NAP L . 29.54 -11.09 26.45
O2D NAP L . 30.61 -10.17 26.32
C1D NAP L . 30.00 -12.39 27.13
N1N NAP L . 30.48 -13.38 26.13
C2N NAP L . 29.83 -13.56 24.95
C3N NAP L . 30.13 -14.65 24.17
C7N NAP L . 29.15 -15.11 23.13
O7N NAP L . 29.54 -15.80 22.19
N7N NAP L . 27.88 -14.75 23.27
C4N NAP L . 31.34 -15.30 24.37
C5N NAP L . 31.99 -15.13 25.57
C6N NAP L . 31.56 -14.14 26.43
P2B NAP L . 17.41 -9.36 27.39
O1X NAP L . 16.89 -10.72 26.96
O2X NAP L . 16.30 -8.45 27.86
O3X NAP L . 18.24 -8.71 26.31
S SO4 M . 46.20 -0.46 41.67
O1 SO4 M . 46.36 -1.46 42.69
O2 SO4 M . 47.33 0.43 41.68
O3 SO4 M . 46.15 -1.12 40.38
O4 SO4 M . 44.98 0.29 41.92
S SO4 N . 8.44 -10.71 28.39
O1 SO4 N . 9.24 -9.58 28.01
O2 SO4 N . 8.83 -11.14 29.70
O3 SO4 N . 7.05 -10.29 28.44
O4 SO4 N . 8.58 -11.80 27.44
PA NAP O . -29.67 8.89 -16.59
O1A NAP O . -28.20 8.84 -16.36
O2A NAP O . -30.23 8.16 -17.75
O5B NAP O . -30.44 8.42 -15.27
C5B NAP O . -31.79 8.89 -15.11
C4B NAP O . -32.35 8.34 -13.83
O4B NAP O . -32.73 6.96 -14.04
C3B NAP O . -31.42 8.35 -12.61
O3B NAP O . -31.98 9.11 -11.55
C2B NAP O . -31.28 6.87 -12.22
O2B NAP O . -31.32 6.78 -10.81
C1B NAP O . -32.54 6.28 -12.82
N9A NAP O . -32.46 4.85 -13.12
C8A NAP O . -31.71 4.25 -14.10
N7A NAP O . -31.86 2.95 -14.13
C5A NAP O . -32.76 2.68 -13.11
C6A NAP O . -33.32 1.48 -12.64
N6A NAP O . -33.05 0.29 -13.16
N1A NAP O . -34.19 1.56 -11.61
C2A NAP O . -34.46 2.77 -11.10
N3A NAP O . -34.00 3.96 -11.45
C4A NAP O . -33.14 3.85 -12.48
O3 NAP O . -30.13 10.42 -16.64
PN NAP O . -30.26 11.53 -17.79
O1N NAP O . -28.92 11.69 -18.44
O2N NAP O . -30.92 12.74 -17.22
O5D NAP O . -31.26 10.80 -18.79
C5D NAP O . -32.67 10.81 -18.51
C4D NAP O . -33.43 10.43 -19.75
O4D NAP O . -33.60 11.59 -20.59
C3D NAP O . -32.78 9.34 -20.63
O3D NAP O . -33.75 8.40 -21.07
C2D NAP O . -32.21 10.14 -21.81
O2D NAP O . -32.20 9.39 -23.01
C1D NAP O . -33.12 11.34 -21.91
N1N NAP O . -32.42 12.57 -22.36
C2N NAP O . -31.12 12.80 -21.99
C3N NAP O . -30.54 14.02 -22.26
C7N NAP O . -29.28 14.43 -21.54
O7N NAP O . -28.62 15.37 -21.96
N7N NAP O . -28.95 13.73 -20.46
C4N NAP O . -31.15 14.86 -23.18
C5N NAP O . -32.44 14.61 -23.57
C6N NAP O . -33.05 13.46 -23.14
P2B NAP O . -29.88 6.39 -10.22
O1X NAP O . -29.07 7.66 -10.18
O2X NAP O . -30.14 5.84 -8.85
O3X NAP O . -29.29 5.37 -11.14
S SO4 P . -49.44 -1.46 -35.73
O1 SO4 P . -49.24 -2.13 -37.00
O2 SO4 P . -48.16 -1.03 -35.24
O3 SO4 P . -50.03 -2.39 -34.79
O4 SO4 P . -50.31 -0.30 -35.90
#